data_5U2M
#
_entry.id   5U2M
#
_cell.length_a   60.978
_cell.length_b   106.611
_cell.length_c   83.122
_cell.angle_alpha   90.000
_cell.angle_beta   96.640
_cell.angle_gamma   90.000
#
_symmetry.space_group_name_H-M   'P 1 21 1'
#
loop_
_entity.id
_entity.type
_entity.pdbx_description
1 polymer 'Nicotinamide phosphoribosyltransferase'
2 non-polymer N-[4-({[(3S)-oxolan-3-yl]methyl}carbamoyl)phenyl]-1,3-dihydro-2H-isoindole-2-carboxamide
3 non-polymer 'SULFATE ION'
4 water water
#
_entity_poly.entity_id   1
_entity_poly.type   'polypeptide(L)'
_entity_poly.pdbx_seq_one_letter_code
;FNILLATDSYKVTHYKQYPPNTSKVYSYFECREKKTENSKLRKVKYEETVFYGLQYILNKYLKGKVVTKEKIQEAKDVYK
EHFQDDVFNEKGWNYILEKYDGHLPIEIKAVPEGFVIPRGNVLFTVENTDPECYWLTNWIETILVQSWYPITVATNSREQ
KKILAKYLLETSGNLDGLEYKLHDFGYRGVSSQETAGIGASAHLVNFKGTDTVAGLALIKKYYGTKDPVPGYSVPAAEHS
TITAWGKDHEKDAFEHIVTQFSSVPVSVVSDSYDIYNACEKIWGEDLRHLIVSRSTQAPLIIRPDSGNPLDTVLKVLEIL
GKKFPVTENSKGYKLLPPYLRVIQGDGVDINTLQEIVEGMKQKMWSIENIAFGSGGGLLQKLTRDLLNCSFKCSYVVTNG
LGINVFKDPVADPNKRSKKGRLSLHRTPAGNFVTLEEGKGDLEEYGQDLLHTVFKNGKVTKSYSFDEIRKNAQLNIE
;
_entity_poly.pdbx_strand_id   A,B
#
# COMPACT_ATOMS: atom_id res chain seq x y z
N PHE A 1 7.00 -6.08 -17.81
CA PHE A 1 7.80 -6.23 -16.60
C PHE A 1 9.21 -6.67 -16.89
N ASN A 2 10.19 -5.99 -16.29
CA ASN A 2 11.60 -6.32 -16.45
C ASN A 2 12.25 -6.60 -15.08
N ILE A 3 12.50 -7.88 -14.76
CA ILE A 3 13.10 -8.32 -13.48
C ILE A 3 14.47 -7.65 -13.19
N LEU A 4 15.18 -7.18 -14.25
CA LEU A 4 16.45 -6.49 -14.13
C LEU A 4 16.25 -5.08 -13.60
N LEU A 5 15.03 -4.55 -13.68
CA LEU A 5 14.68 -3.23 -13.20
C LEU A 5 13.67 -3.33 -12.02
N ALA A 6 13.61 -4.51 -11.37
CA ALA A 6 12.66 -4.75 -10.30
C ALA A 6 13.37 -5.11 -8.98
N THR A 7 14.45 -4.37 -8.69
CA THR A 7 15.24 -4.51 -7.47
C THR A 7 15.60 -3.15 -6.90
N ASP A 8 16.03 -3.12 -5.63
CA ASP A 8 16.55 -1.89 -5.03
C ASP A 8 17.80 -1.57 -5.84
N SER A 9 17.94 -0.33 -6.29
CA SER A 9 19.12 0.07 -7.09
C SER A 9 20.46 -0.43 -6.55
N TYR A 10 20.71 -0.32 -5.22
CA TYR A 10 22.00 -0.72 -4.67
C TYR A 10 22.35 -2.21 -4.90
N LYS A 11 21.34 -3.07 -5.10
CA LYS A 11 21.57 -4.49 -5.41
C LYS A 11 22.26 -4.70 -6.76
N VAL A 12 22.15 -3.73 -7.65
CA VAL A 12 22.82 -3.73 -8.96
C VAL A 12 24.35 -3.77 -8.75
N THR A 13 24.84 -3.23 -7.62
CA THR A 13 26.26 -3.13 -7.29
C THR A 13 26.81 -4.22 -6.37
N HIS A 14 25.94 -5.12 -5.86
CA HIS A 14 26.35 -6.13 -4.89
C HIS A 14 27.25 -7.26 -5.43
N TYR A 15 27.14 -7.62 -6.71
CA TYR A 15 27.99 -8.69 -7.28
C TYR A 15 29.49 -8.42 -7.10
N LYS A 16 29.86 -7.12 -7.01
CA LYS A 16 31.24 -6.64 -6.82
C LYS A 16 31.62 -6.56 -5.35
N GLN A 17 30.69 -6.89 -4.44
CA GLN A 17 30.91 -6.70 -3.00
C GLN A 17 31.06 -7.96 -2.19
N TYR A 18 30.52 -9.09 -2.68
CA TYR A 18 30.62 -10.39 -2.01
C TYR A 18 32.08 -10.85 -1.99
N PRO A 19 32.48 -11.72 -1.05
CA PRO A 19 33.88 -12.18 -1.06
C PRO A 19 34.21 -12.85 -2.39
N PRO A 20 35.41 -12.63 -2.99
CA PRO A 20 35.75 -13.39 -4.21
C PRO A 20 35.72 -14.90 -3.92
N ASN A 21 35.41 -15.70 -4.95
CA ASN A 21 35.30 -17.15 -4.88
C ASN A 21 34.09 -17.64 -4.09
N THR A 22 32.99 -16.84 -4.11
CA THR A 22 31.71 -17.19 -3.47
C THR A 22 30.88 -17.92 -4.53
N SER A 23 30.47 -19.16 -4.23
CA SER A 23 29.72 -20.00 -5.17
C SER A 23 28.24 -20.16 -4.74
N LYS A 24 27.92 -19.79 -3.49
CA LYS A 24 26.56 -19.94 -2.95
C LYS A 24 26.21 -18.80 -1.99
N VAL A 25 25.03 -18.23 -2.16
CA VAL A 25 24.43 -17.25 -1.24
C VAL A 25 23.08 -17.87 -0.93
N TYR A 26 22.85 -18.19 0.35
CA TYR A 26 21.63 -18.80 0.85
C TYR A 26 20.99 -17.81 1.82
N SER A 27 19.72 -17.47 1.54
CA SER A 27 19.01 -16.47 2.35
C SER A 27 17.64 -17.00 2.76
N TYR A 28 17.05 -16.39 3.79
CA TYR A 28 15.78 -16.85 4.31
C TYR A 28 14.89 -15.68 4.68
N PHE A 29 13.59 -15.97 4.81
CA PHE A 29 12.56 -15.00 5.23
C PHE A 29 11.91 -15.42 6.52
N GLU A 30 11.71 -14.48 7.44
CA GLU A 30 10.99 -14.74 8.69
C GLU A 30 10.20 -13.51 9.12
N CYS A 31 9.24 -13.69 10.02
CA CYS A 31 8.49 -12.61 10.66
C CYS A 31 9.10 -12.62 12.05
N ARG A 32 10.18 -11.82 12.22
CA ARG A 32 10.99 -11.76 13.43
C ARG A 32 10.16 -11.59 14.68
N GLU A 33 10.56 -12.27 15.75
CA GLU A 33 9.93 -12.21 17.06
C GLU A 33 10.09 -10.82 17.66
N TYR A 46 0.39 -10.39 17.76
CA TYR A 46 0.42 -11.19 16.53
C TYR A 46 1.45 -12.33 16.66
N GLU A 47 1.19 -13.30 17.54
CA GLU A 47 2.11 -14.40 17.83
C GLU A 47 2.32 -15.40 16.70
N GLU A 48 1.38 -15.48 15.78
CA GLU A 48 1.48 -16.44 14.68
C GLU A 48 1.08 -15.81 13.37
N THR A 49 1.69 -16.23 12.26
CA THR A 49 1.39 -15.61 10.96
C THR A 49 0.88 -16.60 9.96
N VAL A 50 -0.03 -16.16 9.09
CA VAL A 50 -0.56 -16.97 8.00
C VAL A 50 0.41 -16.78 6.84
N PHE A 51 1.01 -17.88 6.33
CA PHE A 51 1.92 -17.76 5.21
C PHE A 51 1.11 -17.76 3.93
N TYR A 52 1.06 -16.65 3.23
CA TYR A 52 0.27 -16.59 2.00
C TYR A 52 0.82 -15.54 1.05
N GLY A 53 0.77 -15.83 -0.25
CA GLY A 53 1.11 -14.83 -1.26
C GLY A 53 2.27 -15.13 -2.18
N LEU A 54 3.18 -16.00 -1.73
CA LEU A 54 4.39 -16.37 -2.48
C LEU A 54 4.03 -16.91 -3.88
N GLN A 55 3.06 -17.83 -3.99
CA GLN A 55 2.65 -18.45 -5.27
C GLN A 55 2.32 -17.41 -6.37
N TYR A 56 1.64 -16.33 -5.98
CA TYR A 56 1.32 -15.22 -6.88
C TYR A 56 2.61 -14.62 -7.48
N ILE A 57 3.56 -14.24 -6.61
CA ILE A 57 4.85 -13.64 -6.98
C ILE A 57 5.67 -14.58 -7.90
N LEU A 58 5.76 -15.87 -7.53
CA LEU A 58 6.50 -16.85 -8.33
C LEU A 58 6.00 -16.90 -9.78
N ASN A 59 4.67 -16.99 -9.97
CA ASN A 59 4.03 -17.08 -11.28
C ASN A 59 4.07 -15.79 -12.06
N LYS A 60 3.69 -14.66 -11.42
CA LYS A 60 3.65 -13.38 -12.11
C LYS A 60 5.01 -12.83 -12.48
N TYR A 61 6.02 -12.98 -11.61
CA TYR A 61 7.29 -12.32 -11.78
C TYR A 61 8.55 -13.18 -11.94
N LEU A 62 8.59 -14.39 -11.36
CA LEU A 62 9.85 -15.14 -11.37
C LEU A 62 9.98 -16.30 -12.35
N LYS A 63 8.89 -16.93 -12.74
CA LYS A 63 8.95 -18.11 -13.60
C LYS A 63 9.16 -17.83 -15.09
N GLY A 64 9.62 -18.86 -15.80
CA GLY A 64 9.82 -18.85 -17.23
C GLY A 64 10.99 -18.03 -17.68
N LYS A 65 10.96 -17.58 -18.93
CA LYS A 65 12.02 -16.79 -19.54
C LYS A 65 11.83 -15.35 -19.10
N VAL A 66 12.58 -14.93 -18.08
CA VAL A 66 12.47 -13.58 -17.49
C VAL A 66 13.59 -12.65 -17.97
N VAL A 67 14.55 -13.21 -18.69
CA VAL A 67 15.68 -12.47 -19.25
C VAL A 67 15.65 -12.61 -20.77
N THR A 68 15.78 -11.48 -21.49
CA THR A 68 15.90 -11.40 -22.95
C THR A 68 17.04 -10.42 -23.25
N LYS A 69 17.56 -10.42 -24.49
CA LYS A 69 18.62 -9.51 -24.89
C LYS A 69 18.14 -8.06 -24.80
N GLU A 70 16.84 -7.82 -25.09
CA GLU A 70 16.23 -6.50 -25.01
C GLU A 70 16.14 -6.03 -23.53
N LYS A 71 15.82 -6.93 -22.59
CA LYS A 71 15.71 -6.57 -21.15
C LYS A 71 17.07 -6.21 -20.59
N ILE A 72 18.13 -6.92 -21.03
CA ILE A 72 19.50 -6.66 -20.61
C ILE A 72 19.93 -5.26 -21.08
N GLN A 73 19.69 -4.96 -22.39
CA GLN A 73 20.02 -3.67 -23.00
C GLN A 73 19.29 -2.52 -22.31
N GLU A 74 17.96 -2.68 -22.08
CA GLU A 74 17.09 -1.70 -21.41
C GLU A 74 17.64 -1.37 -20.01
N ALA A 75 17.94 -2.40 -19.20
CA ALA A 75 18.50 -2.24 -17.85
C ALA A 75 19.85 -1.54 -17.90
N LYS A 76 20.74 -1.96 -18.83
CA LYS A 76 22.07 -1.36 -19.01
C LYS A 76 21.97 0.15 -19.24
N ASP A 77 21.05 0.59 -20.12
CA ASP A 77 20.84 1.99 -20.47
C ASP A 77 20.28 2.82 -19.33
N VAL A 78 19.32 2.25 -18.57
CA VAL A 78 18.70 2.93 -17.44
C VAL A 78 19.77 3.09 -16.32
N TYR A 79 20.46 2.02 -15.96
CA TYR A 79 21.47 2.06 -14.90
C TYR A 79 22.65 2.97 -15.19
N LYS A 80 23.04 3.08 -16.47
CA LYS A 80 24.13 3.97 -16.89
C LYS A 80 23.80 5.40 -16.49
N GLU A 81 22.54 5.81 -16.72
CA GLU A 81 22.08 7.13 -16.38
C GLU A 81 21.75 7.27 -14.89
N HIS A 82 21.13 6.24 -14.29
CA HIS A 82 20.70 6.25 -12.90
C HIS A 82 21.88 6.37 -11.92
N PHE A 83 22.99 5.65 -12.16
CA PHE A 83 24.20 5.67 -11.34
C PHE A 83 25.26 6.66 -11.88
N GLN A 84 25.06 7.17 -13.12
CA GLN A 84 26.05 8.03 -13.79
C GLN A 84 27.38 7.25 -13.89
N ASP A 85 27.27 5.91 -14.08
CA ASP A 85 28.38 4.94 -14.09
C ASP A 85 27.92 3.61 -14.66
N ASP A 86 28.86 2.82 -15.19
CA ASP A 86 28.58 1.55 -15.86
C ASP A 86 28.40 0.29 -14.98
N VAL A 87 28.32 0.46 -13.64
CA VAL A 87 28.27 -0.58 -12.59
C VAL A 87 27.38 -1.90 -12.84
N PHE A 88 26.46 -1.96 -13.79
CA PHE A 88 25.58 -3.10 -14.09
C PHE A 88 26.26 -4.43 -14.58
N ASN A 89 25.91 -5.56 -13.94
CA ASN A 89 26.43 -6.90 -14.26
C ASN A 89 25.83 -7.45 -15.55
N GLU A 90 26.19 -6.88 -16.70
CA GLU A 90 25.72 -7.34 -18.00
C GLU A 90 26.19 -8.78 -18.24
N LYS A 91 27.46 -9.11 -17.91
CA LYS A 91 28.02 -10.47 -18.08
C LYS A 91 27.23 -11.54 -17.33
N GLY A 92 26.85 -11.23 -16.09
CA GLY A 92 26.10 -12.11 -15.21
C GLY A 92 24.73 -12.46 -15.74
N TRP A 93 24.00 -11.42 -16.19
CA TRP A 93 22.67 -11.59 -16.77
C TRP A 93 22.70 -12.27 -18.13
N ASN A 94 23.76 -12.03 -18.93
CA ASN A 94 23.94 -12.65 -20.24
C ASN A 94 24.18 -14.13 -20.10
N TYR A 95 24.88 -14.53 -19.02
CA TYR A 95 25.15 -15.91 -18.66
C TYR A 95 23.83 -16.67 -18.42
N ILE A 96 22.89 -16.05 -17.68
CA ILE A 96 21.58 -16.66 -17.41
C ILE A 96 20.80 -16.83 -18.72
N LEU A 97 20.79 -15.79 -19.58
CA LEU A 97 20.13 -15.83 -20.89
C LEU A 97 20.72 -16.96 -21.76
N GLU A 98 22.05 -17.07 -21.82
CA GLU A 98 22.69 -18.08 -22.68
C GLU A 98 22.65 -19.50 -22.13
N LYS A 99 23.00 -19.72 -20.83
CA LYS A 99 23.03 -21.06 -20.25
C LYS A 99 21.65 -21.65 -19.91
N TYR A 100 20.69 -20.80 -19.50
CA TYR A 100 19.38 -21.29 -19.04
C TYR A 100 18.19 -20.74 -19.80
N ASP A 101 18.41 -20.18 -21.00
CA ASP A 101 17.38 -19.55 -21.83
C ASP A 101 16.55 -18.52 -21.02
N GLY A 102 17.25 -17.75 -20.18
CA GLY A 102 16.68 -16.71 -19.35
C GLY A 102 15.88 -17.15 -18.14
N HIS A 103 15.96 -18.45 -17.77
CA HIS A 103 15.28 -19.02 -16.61
C HIS A 103 16.20 -18.86 -15.40
N LEU A 104 15.64 -18.42 -14.24
CA LEU A 104 16.42 -18.16 -13.03
C LEU A 104 17.01 -19.41 -12.37
N PRO A 105 18.36 -19.51 -12.27
CA PRO A 105 18.95 -20.67 -11.56
C PRO A 105 18.90 -20.47 -10.05
N ILE A 106 17.68 -20.57 -9.52
CA ILE A 106 17.32 -20.34 -8.11
C ILE A 106 16.47 -21.47 -7.59
N GLU A 107 16.64 -21.84 -6.31
CA GLU A 107 15.75 -22.81 -5.67
C GLU A 107 15.11 -22.11 -4.48
N ILE A 108 13.77 -22.14 -4.40
CA ILE A 108 13.00 -21.56 -3.28
C ILE A 108 12.24 -22.69 -2.60
N LYS A 109 12.46 -22.84 -1.29
CA LYS A 109 11.77 -23.83 -0.44
C LYS A 109 10.88 -23.03 0.48
N ALA A 110 9.63 -23.43 0.65
CA ALA A 110 8.66 -22.68 1.44
C ALA A 110 7.72 -23.56 2.24
N VAL A 111 7.22 -23.03 3.37
CA VAL A 111 6.20 -23.71 4.18
C VAL A 111 4.87 -23.70 3.33
N PRO A 112 3.98 -24.73 3.36
CA PRO A 112 2.77 -24.67 2.52
C PRO A 112 1.90 -23.44 2.79
N GLU A 113 1.34 -22.86 1.74
CA GLU A 113 0.52 -21.67 1.90
C GLU A 113 -0.74 -21.94 2.72
N GLY A 114 -1.07 -20.99 3.60
CA GLY A 114 -2.19 -21.11 4.52
C GLY A 114 -1.68 -21.55 5.89
N PHE A 115 -0.44 -22.12 5.92
CA PHE A 115 0.16 -22.55 7.20
C PHE A 115 0.27 -21.42 8.17
N VAL A 116 -0.13 -21.70 9.40
CA VAL A 116 -0.11 -20.73 10.49
C VAL A 116 1.09 -21.03 11.39
N ILE A 117 2.11 -20.16 11.35
CA ILE A 117 3.40 -20.42 12.02
C ILE A 117 3.71 -19.39 13.09
N PRO A 118 4.28 -19.78 14.24
CA PRO A 118 4.68 -18.76 15.22
C PRO A 118 5.78 -17.86 14.68
N ARG A 119 5.87 -16.65 15.24
CA ARG A 119 6.89 -15.67 14.90
C ARG A 119 8.28 -16.23 15.14
N GLY A 120 9.23 -15.76 14.34
CA GLY A 120 10.63 -16.12 14.49
C GLY A 120 11.02 -17.43 13.85
N ASN A 121 10.21 -17.94 12.92
CA ASN A 121 10.51 -19.19 12.22
C ASN A 121 10.78 -18.96 10.75
N VAL A 122 11.62 -19.81 10.15
CA VAL A 122 11.87 -19.68 8.72
C VAL A 122 10.58 -20.03 7.98
N LEU A 123 10.20 -19.21 6.99
CA LEU A 123 8.99 -19.42 6.19
C LEU A 123 9.34 -19.84 4.76
N PHE A 124 10.46 -19.33 4.25
CA PHE A 124 10.98 -19.71 2.94
C PHE A 124 12.47 -19.45 2.86
N THR A 125 13.18 -20.18 2.00
CA THR A 125 14.64 -20.01 1.80
C THR A 125 14.90 -19.85 0.34
N VAL A 126 15.94 -19.11 -0.02
CA VAL A 126 16.31 -18.86 -1.41
C VAL A 126 17.80 -19.12 -1.55
N GLU A 127 18.19 -19.81 -2.64
CA GLU A 127 19.60 -20.06 -2.97
C GLU A 127 19.80 -20.21 -4.47
N ASN A 128 20.99 -19.88 -4.96
CA ASN A 128 21.32 -20.04 -6.39
C ASN A 128 21.71 -21.51 -6.64
N THR A 129 21.35 -22.05 -7.83
CA THR A 129 21.67 -23.46 -8.17
C THR A 129 22.88 -23.56 -9.07
N ASP A 130 23.44 -22.42 -9.47
CA ASP A 130 24.64 -22.32 -10.30
C ASP A 130 25.63 -21.43 -9.57
N PRO A 131 26.91 -21.89 -9.42
CA PRO A 131 27.93 -21.06 -8.73
C PRO A 131 28.14 -19.66 -9.30
N GLU A 132 27.97 -19.49 -10.63
CA GLU A 132 28.14 -18.19 -11.28
C GLU A 132 27.07 -17.16 -10.83
N CYS A 133 25.94 -17.66 -10.34
CA CYS A 133 24.80 -16.83 -9.98
C CYS A 133 24.62 -16.63 -8.50
N TYR A 134 25.74 -16.61 -7.74
CA TYR A 134 25.78 -16.33 -6.30
C TYR A 134 25.07 -15.01 -5.95
N TRP A 135 25.18 -14.00 -6.84
CA TRP A 135 24.61 -12.64 -6.70
C TRP A 135 23.08 -12.59 -6.90
N LEU A 136 22.50 -13.61 -7.56
CA LEU A 136 21.07 -13.62 -7.89
C LEU A 136 20.16 -13.82 -6.68
N THR A 137 20.61 -14.61 -5.69
CA THR A 137 19.81 -14.89 -4.49
C THR A 137 19.21 -13.62 -3.89
N ASN A 138 20.06 -12.63 -3.64
CA ASN A 138 19.63 -11.38 -3.01
C ASN A 138 19.14 -10.32 -4.01
N TRP A 139 19.38 -10.51 -5.34
CA TRP A 139 18.84 -9.60 -6.36
C TRP A 139 17.30 -9.59 -6.21
N ILE A 140 16.72 -10.78 -5.99
CA ILE A 140 15.26 -11.00 -5.91
C ILE A 140 14.73 -10.86 -4.46
N GLU A 141 15.54 -10.30 -3.54
CA GLU A 141 15.04 -10.06 -2.17
C GLU A 141 13.86 -9.09 -2.23
N THR A 142 14.02 -7.97 -2.98
CA THR A 142 13.01 -6.91 -3.05
C THR A 142 11.62 -7.42 -3.45
N ILE A 143 11.55 -8.19 -4.57
CA ILE A 143 10.31 -8.77 -5.06
C ILE A 143 9.73 -9.79 -4.06
N LEU A 144 10.56 -10.64 -3.45
CA LEU A 144 10.07 -11.66 -2.52
C LEU A 144 9.66 -11.08 -1.20
N VAL A 145 10.37 -10.04 -0.71
CA VAL A 145 10.04 -9.43 0.59
C VAL A 145 8.65 -8.79 0.57
N GLN A 146 8.16 -8.40 -0.64
CA GLN A 146 6.82 -7.86 -0.83
C GLN A 146 5.73 -8.86 -0.42
N SER A 147 6.13 -10.13 -0.13
CA SER A 147 5.24 -11.18 0.39
C SER A 147 4.77 -10.76 1.80
N TRP A 148 5.49 -9.81 2.46
CA TRP A 148 5.08 -9.28 3.77
C TRP A 148 3.61 -8.84 3.72
N TYR A 149 3.18 -8.23 2.57
CA TYR A 149 1.87 -7.63 2.43
C TYR A 149 0.75 -8.67 2.49
N PRO A 150 0.63 -9.68 1.58
CA PRO A 150 -0.43 -10.69 1.74
C PRO A 150 -0.27 -11.48 3.05
N ILE A 151 0.96 -11.71 3.55
CA ILE A 151 1.09 -12.40 4.85
C ILE A 151 0.42 -11.54 5.98
N THR A 152 0.70 -10.24 6.00
CA THR A 152 0.18 -9.35 7.04
C THR A 152 -1.33 -9.14 6.93
N VAL A 153 -1.83 -8.96 5.71
CA VAL A 153 -3.27 -8.78 5.54
C VAL A 153 -3.97 -10.05 6.04
N ALA A 154 -3.51 -11.25 5.58
CA ALA A 154 -4.12 -12.53 5.97
C ALA A 154 -4.06 -12.73 7.49
N THR A 155 -2.91 -12.39 8.08
CA THR A 155 -2.70 -12.57 9.54
C THR A 155 -3.63 -11.62 10.36
N ASN A 156 -3.62 -10.34 10.02
CA ASN A 156 -4.45 -9.33 10.68
C ASN A 156 -5.95 -9.63 10.51
N SER A 157 -6.35 -10.14 9.32
CA SER A 157 -7.72 -10.51 9.05
C SER A 157 -8.12 -11.74 9.94
N ARG A 158 -7.21 -12.73 10.07
CA ARG A 158 -7.44 -13.92 10.90
C ARG A 158 -7.52 -13.53 12.37
N GLU A 159 -6.71 -12.55 12.81
CA GLU A 159 -6.77 -12.09 14.20
C GLU A 159 -8.13 -11.44 14.50
N GLN A 160 -8.74 -10.79 13.50
CA GLN A 160 -10.08 -10.20 13.67
C GLN A 160 -11.15 -11.27 13.69
N LYS A 161 -10.95 -12.35 12.92
CA LYS A 161 -11.85 -13.52 12.90
C LYS A 161 -11.84 -14.16 14.29
N LYS A 162 -10.68 -14.21 14.98
CA LYS A 162 -10.56 -14.79 16.34
C LYS A 162 -11.39 -14.01 17.32
N ILE A 163 -11.35 -12.67 17.24
CA ILE A 163 -12.15 -11.78 18.11
C ILE A 163 -13.64 -12.00 17.85
N LEU A 164 -14.05 -11.97 16.58
CA LEU A 164 -15.44 -12.17 16.17
C LEU A 164 -15.95 -13.52 16.62
N ALA A 165 -15.15 -14.59 16.39
CA ALA A 165 -15.49 -15.97 16.76
C ALA A 165 -15.76 -16.07 18.26
N LYS A 166 -14.85 -15.54 19.09
CA LYS A 166 -14.95 -15.53 20.54
C LYS A 166 -16.26 -14.88 21.03
N TYR A 167 -16.56 -13.67 20.56
CA TYR A 167 -17.74 -12.91 20.98
C TYR A 167 -19.04 -13.46 20.40
N LEU A 168 -19.02 -13.97 19.15
CA LEU A 168 -20.20 -14.57 18.54
C LEU A 168 -20.55 -15.85 19.31
N LEU A 169 -19.53 -16.68 19.65
CA LEU A 169 -19.74 -17.92 20.40
C LEU A 169 -20.25 -17.62 21.82
N GLU A 170 -19.71 -16.59 22.46
CA GLU A 170 -20.12 -16.20 23.81
C GLU A 170 -21.56 -15.68 23.84
N THR A 171 -21.90 -14.76 22.93
CA THR A 171 -23.23 -14.14 22.93
C THR A 171 -24.32 -14.96 22.19
N SER A 172 -23.96 -15.93 21.33
CA SER A 172 -24.96 -16.69 20.57
C SER A 172 -24.94 -18.22 20.75
N GLY A 173 -23.81 -18.78 21.18
CA GLY A 173 -23.64 -20.22 21.36
C GLY A 173 -23.16 -20.94 20.12
N ASN A 174 -22.93 -20.20 19.02
CA ASN A 174 -22.46 -20.80 17.77
C ASN A 174 -21.68 -19.79 16.89
N LEU A 175 -21.13 -20.29 15.76
CA LEU A 175 -20.35 -19.50 14.81
C LEU A 175 -21.10 -19.20 13.48
N ASP A 176 -22.44 -19.39 13.43
CA ASP A 176 -23.19 -19.14 12.18
C ASP A 176 -22.94 -17.74 11.59
N GLY A 177 -22.61 -17.73 10.30
CA GLY A 177 -22.37 -16.50 9.55
C GLY A 177 -21.06 -15.78 9.86
N LEU A 178 -20.16 -16.43 10.64
CA LEU A 178 -18.83 -15.87 11.01
C LEU A 178 -18.05 -15.37 9.77
N GLU A 179 -18.01 -16.18 8.70
CA GLU A 179 -17.26 -15.86 7.48
C GLU A 179 -17.82 -14.69 6.65
N TYR A 180 -18.97 -14.11 7.06
CA TYR A 180 -19.56 -12.96 6.38
C TYR A 180 -19.57 -11.71 7.27
N LYS A 181 -19.02 -11.84 8.50
CA LYS A 181 -19.06 -10.78 9.50
C LYS A 181 -17.99 -9.67 9.37
N LEU A 182 -16.95 -9.86 8.56
CA LEU A 182 -15.93 -8.85 8.30
C LEU A 182 -15.83 -8.74 6.78
N HIS A 183 -16.47 -7.70 6.23
CA HIS A 183 -16.53 -7.43 4.80
C HIS A 183 -15.47 -6.40 4.38
N ASP A 184 -14.79 -6.69 3.30
CA ASP A 184 -13.75 -5.85 2.73
C ASP A 184 -14.38 -4.70 1.94
N PHE A 185 -14.17 -3.48 2.43
CA PHE A 185 -14.62 -2.20 1.86
C PHE A 185 -13.40 -1.38 1.35
N GLY A 186 -12.22 -2.00 1.31
CA GLY A 186 -10.95 -1.35 1.05
C GLY A 186 -10.44 -1.03 -0.33
N TYR A 187 -11.23 -1.29 -1.38
CA TYR A 187 -10.76 -1.07 -2.75
C TYR A 187 -10.22 0.38 -2.99
N ARG A 188 -10.99 1.41 -2.63
CA ARG A 188 -10.57 2.80 -2.85
C ARG A 188 -9.45 3.28 -1.92
N GLY A 189 -9.34 2.67 -0.73
CA GLY A 189 -8.41 3.08 0.33
C GLY A 189 -7.02 2.51 0.23
N VAL A 190 -6.78 1.72 -0.80
CA VAL A 190 -5.51 1.05 -1.05
C VAL A 190 -4.64 1.87 -2.07
N SER A 191 -3.34 1.60 -2.10
CA SER A 191 -2.41 2.37 -2.90
C SER A 191 -2.43 2.11 -4.41
N SER A 192 -2.96 0.98 -4.86
CA SER A 192 -2.97 0.70 -6.30
C SER A 192 -3.96 -0.42 -6.65
N GLN A 193 -4.21 -0.62 -7.95
CA GLN A 193 -5.03 -1.73 -8.41
C GLN A 193 -4.38 -3.06 -8.04
N GLU A 194 -3.05 -3.18 -8.23
CA GLU A 194 -2.38 -4.45 -7.93
C GLU A 194 -2.49 -4.81 -6.43
N THR A 195 -2.29 -3.80 -5.56
CA THR A 195 -2.42 -3.99 -4.10
C THR A 195 -3.83 -4.45 -3.75
N ALA A 196 -4.84 -3.84 -4.41
CA ALA A 196 -6.23 -4.19 -4.22
C ALA A 196 -6.46 -5.68 -4.40
N GLY A 197 -5.98 -6.24 -5.52
CA GLY A 197 -6.14 -7.66 -5.78
C GLY A 197 -5.41 -8.54 -4.77
N ILE A 198 -4.14 -8.20 -4.46
CA ILE A 198 -3.37 -9.00 -3.50
C ILE A 198 -3.99 -8.98 -2.11
N GLY A 199 -4.28 -7.78 -1.61
CA GLY A 199 -4.85 -7.56 -0.29
C GLY A 199 -6.21 -8.20 -0.15
N ALA A 200 -7.10 -7.99 -1.15
CA ALA A 200 -8.43 -8.59 -1.08
C ALA A 200 -8.36 -10.14 -1.08
N SER A 201 -7.42 -10.74 -1.83
CA SER A 201 -7.27 -12.19 -1.86
C SER A 201 -6.81 -12.71 -0.50
N ALA A 202 -5.94 -11.97 0.20
CA ALA A 202 -5.43 -12.34 1.52
C ALA A 202 -6.53 -12.30 2.59
N HIS A 203 -7.47 -11.33 2.48
CA HIS A 203 -8.61 -11.29 3.40
C HIS A 203 -9.55 -12.50 3.14
N LEU A 204 -9.67 -12.92 1.87
CA LEU A 204 -10.51 -14.07 1.48
C LEU A 204 -10.01 -15.43 1.94
N VAL A 205 -8.77 -15.47 2.46
CA VAL A 205 -8.23 -16.68 3.08
C VAL A 205 -9.10 -16.98 4.32
N ASN A 206 -9.62 -15.90 4.98
CA ASN A 206 -10.38 -16.06 6.23
C ASN A 206 -11.87 -15.83 6.14
N PHE A 207 -12.29 -14.97 5.24
CA PHE A 207 -13.68 -14.56 5.08
C PHE A 207 -14.21 -14.77 3.67
N LYS A 208 -15.52 -14.57 3.48
CA LYS A 208 -16.20 -14.73 2.20
C LYS A 208 -16.87 -13.46 1.70
N GLY A 209 -16.88 -12.40 2.52
CA GLY A 209 -17.53 -11.16 2.12
C GLY A 209 -16.54 -10.13 1.61
N THR A 210 -16.72 -9.68 0.37
CA THR A 210 -15.83 -8.69 -0.25
C THR A 210 -16.53 -7.79 -1.25
N ASP A 211 -16.11 -6.52 -1.28
CA ASP A 211 -16.52 -5.60 -2.34
C ASP A 211 -15.30 -5.30 -3.22
N THR A 212 -14.14 -5.81 -2.83
CA THR A 212 -12.91 -5.55 -3.61
C THR A 212 -12.81 -6.63 -4.66
N VAL A 213 -13.54 -6.42 -5.77
CA VAL A 213 -13.71 -7.38 -6.87
C VAL A 213 -12.36 -7.85 -7.49
N ALA A 214 -11.32 -7.01 -7.44
CA ALA A 214 -9.99 -7.35 -7.94
C ALA A 214 -9.40 -8.65 -7.36
N GLY A 215 -9.76 -8.97 -6.11
CA GLY A 215 -9.32 -10.19 -5.46
C GLY A 215 -9.81 -11.47 -6.13
N LEU A 216 -11.02 -11.44 -6.69
CA LEU A 216 -11.65 -12.60 -7.37
C LEU A 216 -10.80 -13.08 -8.57
N ALA A 217 -10.39 -12.18 -9.49
CA ALA A 217 -9.59 -12.55 -10.68
C ALA A 217 -8.21 -13.08 -10.28
N LEU A 218 -7.57 -12.47 -9.26
CA LEU A 218 -6.29 -12.96 -8.75
C LEU A 218 -6.37 -14.43 -8.26
N ILE A 219 -7.40 -14.75 -7.44
CA ILE A 219 -7.56 -16.11 -6.88
C ILE A 219 -7.81 -17.10 -8.02
N LYS A 220 -8.73 -16.77 -8.91
CA LYS A 220 -9.09 -17.60 -10.06
C LYS A 220 -7.86 -17.97 -10.92
N LYS A 221 -7.06 -16.97 -11.31
CA LYS A 221 -5.87 -17.12 -12.15
C LYS A 221 -4.68 -17.81 -11.45
N TYR A 222 -4.35 -17.45 -10.20
CA TYR A 222 -3.16 -17.96 -9.51
C TYR A 222 -3.35 -19.05 -8.47
N TYR A 223 -4.56 -19.22 -7.91
CA TYR A 223 -4.79 -20.20 -6.85
C TYR A 223 -5.88 -21.22 -7.18
N GLY A 224 -7.08 -20.72 -7.46
CA GLY A 224 -8.23 -21.52 -7.86
C GLY A 224 -9.10 -22.02 -6.73
N THR A 225 -10.42 -22.02 -6.96
CA THR A 225 -11.41 -22.54 -6.01
C THR A 225 -12.34 -23.53 -6.75
N LYS A 226 -12.89 -24.52 -6.01
CA LYS A 226 -13.89 -25.48 -6.49
C LYS A 226 -15.15 -24.67 -6.81
N ASP A 227 -15.52 -23.72 -5.93
CA ASP A 227 -16.67 -22.84 -6.12
C ASP A 227 -16.44 -21.87 -7.26
N PRO A 228 -17.49 -21.40 -7.99
CA PRO A 228 -17.25 -20.44 -9.08
C PRO A 228 -16.48 -19.19 -8.61
N VAL A 229 -16.77 -18.69 -7.37
CA VAL A 229 -16.08 -17.51 -6.81
C VAL A 229 -15.67 -17.67 -5.33
N PRO A 230 -14.54 -17.04 -4.93
CA PRO A 230 -14.13 -17.13 -3.51
C PRO A 230 -14.83 -16.15 -2.56
N GLY A 231 -15.50 -15.14 -3.08
CA GLY A 231 -16.15 -14.12 -2.24
C GLY A 231 -17.46 -13.59 -2.79
N TYR A 232 -18.29 -13.06 -1.88
CA TYR A 232 -19.64 -12.63 -2.17
C TYR A 232 -20.00 -11.25 -1.68
N SER A 233 -20.95 -10.62 -2.33
CA SER A 233 -21.46 -9.33 -1.90
C SER A 233 -22.97 -9.23 -2.02
N VAL A 234 -23.51 -8.15 -1.45
CA VAL A 234 -24.93 -7.84 -1.47
C VAL A 234 -25.12 -6.40 -2.00
N PRO A 235 -26.30 -6.08 -2.59
CA PRO A 235 -26.54 -4.69 -3.02
C PRO A 235 -26.48 -3.75 -1.80
N ALA A 236 -25.89 -2.58 -2.00
CA ALA A 236 -25.76 -1.62 -0.92
C ALA A 236 -25.77 -0.25 -1.51
N ALA A 237 -26.28 0.71 -0.75
CA ALA A 237 -26.35 2.11 -1.12
C ALA A 237 -25.06 2.84 -0.73
N GLU A 238 -24.82 3.99 -1.37
CA GLU A 238 -23.74 4.90 -1.05
C GLU A 238 -24.36 6.26 -0.87
N HIS A 239 -23.62 7.23 -0.34
CA HIS A 239 -24.19 8.55 -0.14
C HIS A 239 -24.72 9.18 -1.41
N SER A 240 -24.08 8.96 -2.57
CA SER A 240 -24.55 9.56 -3.83
C SER A 240 -25.95 9.10 -4.17
N THR A 241 -26.24 7.83 -3.93
CA THR A 241 -27.46 7.12 -4.25
C THR A 241 -28.64 7.57 -3.32
N ILE A 242 -28.33 8.03 -2.11
CA ILE A 242 -29.32 8.58 -1.16
C ILE A 242 -29.48 10.10 -1.41
N THR A 243 -28.36 10.85 -1.33
CA THR A 243 -28.38 12.32 -1.45
C THR A 243 -28.89 12.85 -2.81
N ALA A 244 -28.73 12.09 -3.91
CA ALA A 244 -29.25 12.47 -5.26
C ALA A 244 -30.76 12.76 -5.28
N TRP A 245 -31.52 12.24 -4.30
CA TRP A 245 -32.97 12.41 -4.16
C TRP A 245 -33.32 13.77 -3.59
N GLY A 246 -32.34 14.43 -2.97
CA GLY A 246 -32.53 15.73 -2.32
C GLY A 246 -32.72 15.51 -0.84
N LYS A 247 -32.28 16.48 -0.03
CA LYS A 247 -32.33 16.40 1.44
C LYS A 247 -33.73 16.10 2.01
N ASP A 248 -34.81 16.59 1.38
CA ASP A 248 -36.17 16.36 1.88
C ASP A 248 -36.75 15.02 1.44
N HIS A 249 -36.01 14.26 0.61
CA HIS A 249 -36.54 13.02 0.07
C HIS A 249 -35.73 11.76 0.45
N GLU A 250 -35.08 11.78 1.61
CA GLU A 250 -34.31 10.62 2.11
C GLU A 250 -35.22 9.39 2.24
N LYS A 251 -36.48 9.59 2.71
CA LYS A 251 -37.43 8.50 2.86
C LYS A 251 -37.82 7.88 1.50
N ASP A 252 -37.90 8.70 0.43
CA ASP A 252 -38.19 8.24 -0.92
C ASP A 252 -37.05 7.41 -1.48
N ALA A 253 -35.79 7.83 -1.20
CA ALA A 253 -34.58 7.13 -1.60
C ALA A 253 -34.57 5.75 -0.95
N PHE A 254 -34.80 5.69 0.38
CA PHE A 254 -34.84 4.44 1.15
C PHE A 254 -35.94 3.50 0.63
N GLU A 255 -37.16 4.04 0.41
CA GLU A 255 -38.30 3.24 -0.05
C GLU A 255 -37.99 2.62 -1.41
N HIS A 256 -37.47 3.42 -2.35
CA HIS A 256 -37.09 2.96 -3.70
C HIS A 256 -36.06 1.87 -3.64
N ILE A 257 -35.01 2.05 -2.81
CA ILE A 257 -33.90 1.10 -2.74
C ILE A 257 -34.36 -0.24 -2.18
N VAL A 258 -35.03 -0.25 -1.02
CA VAL A 258 -35.52 -1.52 -0.41
C VAL A 258 -36.57 -2.21 -1.32
N THR A 259 -37.34 -1.44 -2.12
CA THR A 259 -38.33 -2.03 -3.05
C THR A 259 -37.63 -2.64 -4.26
N GLN A 260 -36.55 -2.00 -4.76
CA GLN A 260 -35.75 -2.55 -5.87
C GLN A 260 -35.05 -3.86 -5.47
N PHE A 261 -34.63 -3.99 -4.20
CA PHE A 261 -33.92 -5.19 -3.70
C PHE A 261 -34.75 -5.82 -2.58
N SER A 262 -35.99 -6.19 -2.91
CA SER A 262 -36.93 -6.74 -1.92
C SER A 262 -36.70 -8.18 -1.55
N SER A 263 -36.02 -8.96 -2.43
CA SER A 263 -35.79 -10.40 -2.29
C SER A 263 -34.34 -10.80 -1.96
N VAL A 264 -33.44 -9.81 -1.84
CA VAL A 264 -32.03 -10.07 -1.49
C VAL A 264 -31.65 -9.19 -0.28
N PRO A 265 -30.60 -9.54 0.51
CA PRO A 265 -30.16 -8.62 1.58
C PRO A 265 -29.76 -7.28 0.96
N VAL A 266 -30.06 -6.18 1.64
CA VAL A 266 -29.74 -4.84 1.11
C VAL A 266 -29.24 -3.96 2.22
N SER A 267 -28.09 -3.38 2.02
CA SER A 267 -27.45 -2.49 2.96
C SER A 267 -27.79 -1.05 2.56
N VAL A 268 -28.25 -0.25 3.50
CA VAL A 268 -28.64 1.12 3.24
C VAL A 268 -27.99 2.10 4.21
N VAL A 269 -27.04 2.92 3.68
CA VAL A 269 -26.35 3.96 4.45
C VAL A 269 -27.40 4.96 4.95
N SER A 270 -27.49 5.15 6.26
CA SER A 270 -28.58 5.94 6.85
C SER A 270 -28.13 7.16 7.61
N ASP A 271 -26.87 7.60 7.44
CA ASP A 271 -26.32 8.72 8.17
C ASP A 271 -26.14 9.99 7.33
N SER A 272 -26.70 10.04 6.10
CA SER A 272 -26.49 11.22 5.22
C SER A 272 -26.81 12.53 5.91
N TYR A 273 -27.85 12.55 6.76
CA TYR A 273 -28.23 13.78 7.46
C TYR A 273 -28.30 13.61 8.94
N ASP A 274 -29.03 12.59 9.40
CA ASP A 274 -29.18 12.27 10.81
C ASP A 274 -29.52 10.80 10.93
N ILE A 275 -28.51 10.00 11.28
CA ILE A 275 -28.60 8.55 11.47
C ILE A 275 -29.69 8.16 12.47
N TYR A 276 -29.80 8.90 13.59
CA TYR A 276 -30.72 8.60 14.68
C TYR A 276 -32.16 8.86 14.28
N ASN A 277 -32.39 9.91 13.49
CA ASN A 277 -33.70 10.23 12.94
C ASN A 277 -34.09 9.16 11.94
N ALA A 278 -33.15 8.78 11.05
CA ALA A 278 -33.41 7.76 10.01
C ALA A 278 -33.83 6.43 10.65
N CYS A 279 -33.16 6.01 11.74
CA CYS A 279 -33.47 4.75 12.41
C CYS A 279 -34.80 4.84 13.14
N GLU A 280 -34.99 5.91 13.91
CA GLU A 280 -36.19 6.04 14.71
C GLU A 280 -37.46 6.39 13.90
N LYS A 281 -37.38 7.42 13.05
CA LYS A 281 -38.56 7.90 12.32
C LYS A 281 -38.75 7.31 10.95
N ILE A 282 -37.68 7.18 10.15
CA ILE A 282 -37.84 6.71 8.79
C ILE A 282 -37.99 5.20 8.76
N TRP A 283 -36.97 4.44 9.20
CA TRP A 283 -37.08 2.99 9.20
C TRP A 283 -38.07 2.52 10.27
N GLY A 284 -38.02 3.13 11.44
CA GLY A 284 -38.79 2.71 12.60
C GLY A 284 -40.26 3.08 12.61
N GLU A 285 -40.69 4.01 11.73
CA GLU A 285 -42.08 4.45 11.68
C GLU A 285 -42.61 4.52 10.24
N ASP A 286 -42.12 5.50 9.44
CA ASP A 286 -42.61 5.71 8.08
C ASP A 286 -42.51 4.51 7.17
N LEU A 287 -41.36 3.81 7.19
CA LEU A 287 -41.10 2.66 6.31
C LEU A 287 -41.09 1.32 7.00
N ARG A 288 -41.43 1.29 8.30
CA ARG A 288 -41.47 0.06 9.13
C ARG A 288 -42.25 -1.11 8.46
N HIS A 289 -43.35 -0.78 7.74
CA HIS A 289 -44.18 -1.76 7.02
C HIS A 289 -43.45 -2.50 5.88
N LEU A 290 -42.43 -1.87 5.30
CA LEU A 290 -41.63 -2.42 4.20
C LEU A 290 -40.47 -3.29 4.72
N ILE A 291 -40.18 -3.18 6.01
CA ILE A 291 -39.07 -3.88 6.68
C ILE A 291 -39.57 -5.17 7.34
N VAL A 292 -40.63 -5.09 8.14
CA VAL A 292 -41.17 -6.23 8.89
C VAL A 292 -41.73 -7.38 7.98
N SER A 293 -41.99 -7.09 6.69
CA SER A 293 -42.49 -8.02 5.67
C SER A 293 -41.34 -8.75 4.97
N ARG A 294 -40.07 -8.32 5.18
CA ARG A 294 -38.92 -8.93 4.50
C ARG A 294 -38.61 -10.32 4.97
N SER A 295 -38.10 -11.17 4.03
CA SER A 295 -37.65 -12.52 4.32
C SER A 295 -36.38 -12.50 5.20
N THR A 296 -36.14 -13.62 5.90
CA THR A 296 -34.98 -13.87 6.74
C THR A 296 -33.73 -13.95 5.86
N GLN A 297 -33.90 -14.39 4.60
CA GLN A 297 -32.81 -14.50 3.62
C GLN A 297 -32.54 -13.15 2.93
N ALA A 298 -33.35 -12.11 3.25
CA ALA A 298 -33.26 -10.80 2.61
C ALA A 298 -33.43 -9.68 3.63
N PRO A 299 -32.60 -9.60 4.70
CA PRO A 299 -32.81 -8.50 5.65
C PRO A 299 -32.45 -7.11 5.12
N LEU A 300 -32.94 -6.07 5.81
CA LEU A 300 -32.47 -4.72 5.63
C LEU A 300 -31.25 -4.65 6.55
N ILE A 301 -30.14 -4.12 6.01
CA ILE A 301 -28.95 -3.94 6.86
C ILE A 301 -28.73 -2.43 6.97
N ILE A 302 -28.98 -1.87 8.15
CA ILE A 302 -28.82 -0.45 8.37
C ILE A 302 -27.34 -0.12 8.51
N ARG A 303 -26.88 0.89 7.77
CA ARG A 303 -25.48 1.26 7.84
C ARG A 303 -25.21 2.66 8.36
N PRO A 304 -24.76 2.82 9.63
CA PRO A 304 -24.25 4.12 10.06
C PRO A 304 -22.86 4.28 9.43
N ASP A 305 -22.37 5.51 9.24
CA ASP A 305 -21.06 5.70 8.60
C ASP A 305 -20.29 6.90 9.15
N SER A 306 -20.55 7.30 10.39
CA SER A 306 -19.93 8.47 11.02
C SER A 306 -20.17 8.44 12.49
N GLY A 307 -19.39 9.24 13.22
CA GLY A 307 -19.48 9.36 14.66
C GLY A 307 -18.58 8.36 15.33
N ASN A 308 -18.58 8.36 16.66
CA ASN A 308 -17.78 7.40 17.43
C ASN A 308 -18.30 6.01 17.05
N PRO A 309 -17.45 5.08 16.57
CA PRO A 309 -17.98 3.77 16.10
C PRO A 309 -18.75 2.96 17.14
N LEU A 310 -18.25 2.87 18.41
CA LEU A 310 -18.97 2.16 19.46
C LEU A 310 -20.23 2.90 19.89
N ASP A 311 -20.13 4.20 20.21
CA ASP A 311 -21.31 4.97 20.66
C ASP A 311 -22.43 4.94 19.62
N THR A 312 -22.07 5.02 18.33
CA THR A 312 -23.06 5.03 17.26
C THR A 312 -23.77 3.69 17.17
N VAL A 313 -22.99 2.57 17.15
CA VAL A 313 -23.55 1.23 17.09
C VAL A 313 -24.52 1.02 18.25
N LEU A 314 -24.10 1.37 19.48
CA LEU A 314 -24.97 1.18 20.67
C LEU A 314 -26.22 2.00 20.61
N LYS A 315 -26.12 3.25 20.17
CA LYS A 315 -27.30 4.13 20.09
C LYS A 315 -28.28 3.65 19.00
N VAL A 316 -27.76 3.23 17.84
CA VAL A 316 -28.57 2.68 16.74
C VAL A 316 -29.31 1.40 17.24
N LEU A 317 -28.59 0.50 17.92
CA LEU A 317 -29.23 -0.71 18.47
C LEU A 317 -30.33 -0.38 19.49
N GLU A 318 -30.08 0.62 20.37
CA GLU A 318 -31.08 0.98 21.38
C GLU A 318 -32.34 1.57 20.73
N ILE A 319 -32.17 2.35 19.65
CA ILE A 319 -33.27 2.92 18.87
C ILE A 319 -34.09 1.81 18.23
N LEU A 320 -33.41 0.92 17.45
CA LEU A 320 -34.06 -0.19 16.77
C LEU A 320 -34.77 -1.16 17.69
N GLY A 321 -34.18 -1.42 18.86
CA GLY A 321 -34.74 -2.32 19.86
C GLY A 321 -36.07 -1.83 20.41
N LYS A 322 -36.28 -0.50 20.35
CA LYS A 322 -37.50 0.14 20.83
C LYS A 322 -38.57 0.27 19.72
N LYS A 323 -38.17 0.15 18.44
CA LYS A 323 -39.13 0.24 17.33
C LYS A 323 -39.48 -1.11 16.74
N PHE A 324 -38.62 -2.13 16.99
CA PHE A 324 -38.79 -3.46 16.41
C PHE A 324 -38.87 -4.56 17.47
N PRO A 325 -39.53 -5.71 17.19
CA PRO A 325 -39.67 -6.79 18.20
C PRO A 325 -38.39 -7.57 18.52
N VAL A 326 -37.73 -7.19 19.60
CA VAL A 326 -36.50 -7.86 20.00
C VAL A 326 -36.80 -9.11 20.83
N THR A 327 -36.02 -10.16 20.61
CA THR A 327 -36.10 -11.42 21.38
C THR A 327 -34.81 -11.55 22.22
N GLU A 328 -34.83 -12.50 23.15
CA GLU A 328 -33.70 -12.79 23.98
C GLU A 328 -33.30 -14.20 23.60
N ASN A 329 -32.09 -14.38 23.11
CA ASN A 329 -31.62 -15.71 22.71
C ASN A 329 -31.33 -16.59 23.92
N SER A 330 -30.93 -17.84 23.69
CA SER A 330 -30.69 -18.81 24.77
C SER A 330 -29.55 -18.39 25.74
N LYS A 331 -28.67 -17.47 25.31
CA LYS A 331 -27.54 -16.99 26.13
C LYS A 331 -27.89 -15.75 26.96
N GLY A 332 -29.08 -15.20 26.73
CA GLY A 332 -29.55 -14.02 27.45
C GLY A 332 -29.29 -12.74 26.71
N TYR A 333 -28.87 -12.85 25.43
CA TYR A 333 -28.55 -11.67 24.62
C TYR A 333 -29.67 -11.27 23.68
N LYS A 334 -29.82 -9.96 23.53
CA LYS A 334 -30.82 -9.32 22.71
C LYS A 334 -30.54 -9.52 21.26
N LEU A 335 -31.60 -9.88 20.52
CA LEU A 335 -31.53 -10.21 19.12
C LEU A 335 -32.63 -9.51 18.34
N LEU A 336 -32.25 -8.69 17.34
CA LEU A 336 -33.18 -7.99 16.45
C LEU A 336 -33.98 -9.02 15.67
N PRO A 337 -35.14 -8.67 15.07
CA PRO A 337 -35.83 -9.66 14.23
C PRO A 337 -34.97 -10.01 13.01
N PRO A 338 -35.13 -11.23 12.41
CA PRO A 338 -34.24 -11.65 11.32
C PRO A 338 -34.26 -10.82 10.03
N TYR A 339 -35.27 -9.99 9.83
CA TYR A 339 -35.34 -9.14 8.64
C TYR A 339 -34.54 -7.82 8.85
N LEU A 340 -33.88 -7.68 10.01
CA LEU A 340 -33.16 -6.46 10.34
C LEU A 340 -31.78 -6.70 10.95
N ARG A 341 -30.76 -6.12 10.32
CA ARG A 341 -29.37 -6.19 10.80
C ARG A 341 -28.68 -4.83 10.71
N VAL A 342 -27.45 -4.74 11.24
CA VAL A 342 -26.66 -3.50 11.26
C VAL A 342 -25.29 -3.83 10.73
N ILE A 343 -24.65 -2.83 10.08
CA ILE A 343 -23.29 -2.98 9.58
C ILE A 343 -22.55 -1.71 9.96
N GLN A 344 -21.47 -1.87 10.70
CA GLN A 344 -20.65 -0.69 11.01
C GLN A 344 -19.50 -0.72 9.98
N GLY A 345 -19.48 0.22 9.03
CA GLY A 345 -18.44 0.25 8.01
C GLY A 345 -17.50 1.45 7.99
N ASP A 346 -17.46 2.19 9.10
CA ASP A 346 -16.59 3.35 9.22
C ASP A 346 -15.62 3.18 10.41
N GLY A 347 -14.35 3.46 10.16
CA GLY A 347 -13.26 3.42 11.14
C GLY A 347 -13.07 2.08 11.84
N VAL A 348 -13.32 0.98 11.13
CA VAL A 348 -13.14 -0.36 11.67
C VAL A 348 -11.70 -0.82 11.38
N ASP A 349 -11.00 -1.13 12.46
CA ASP A 349 -9.68 -1.77 12.42
C ASP A 349 -9.70 -2.82 13.53
N ILE A 350 -8.60 -3.54 13.76
CA ILE A 350 -8.63 -4.61 14.77
C ILE A 350 -8.93 -4.09 16.19
N ASN A 351 -8.45 -2.88 16.53
CA ASN A 351 -8.68 -2.27 17.83
C ASN A 351 -10.12 -1.83 18.01
N THR A 352 -10.74 -1.20 17.00
CA THR A 352 -12.11 -0.72 17.14
C THR A 352 -13.12 -1.88 17.05
N LEU A 353 -12.83 -2.93 16.27
CA LEU A 353 -13.68 -4.12 16.17
C LEU A 353 -13.79 -4.73 17.58
N GLN A 354 -12.66 -4.85 18.29
CA GLN A 354 -12.60 -5.35 19.65
C GLN A 354 -13.42 -4.48 20.61
N GLU A 355 -13.27 -3.14 20.53
CA GLU A 355 -14.03 -2.23 21.41
C GLU A 355 -15.53 -2.34 21.17
N ILE A 356 -15.97 -2.46 19.90
CA ILE A 356 -17.39 -2.58 19.55
C ILE A 356 -17.97 -3.88 20.08
N VAL A 357 -17.41 -5.04 19.71
CA VAL A 357 -17.98 -6.33 20.18
C VAL A 357 -18.03 -6.40 21.73
N GLU A 358 -16.97 -5.90 22.41
CA GLU A 358 -16.93 -5.89 23.87
C GLU A 358 -18.02 -4.93 24.44
N GLY A 359 -18.21 -3.77 23.80
CA GLY A 359 -19.23 -2.80 24.20
C GLY A 359 -20.64 -3.34 23.99
N MET A 360 -20.83 -4.11 22.90
CA MET A 360 -22.13 -4.74 22.60
C MET A 360 -22.45 -5.82 23.63
N LYS A 361 -21.45 -6.65 23.98
CA LYS A 361 -21.61 -7.72 24.97
C LYS A 361 -21.98 -7.12 26.35
N GLN A 362 -21.35 -5.97 26.71
CA GLN A 362 -21.62 -5.29 27.98
C GLN A 362 -23.06 -4.79 28.04
N LYS A 363 -23.61 -4.34 26.89
CA LYS A 363 -24.99 -3.85 26.80
C LYS A 363 -26.00 -4.96 26.44
N MET A 364 -25.58 -6.23 26.54
CA MET A 364 -26.38 -7.44 26.31
C MET A 364 -26.91 -7.61 24.89
N TRP A 365 -26.17 -7.11 23.87
CA TRP A 365 -26.54 -7.26 22.46
C TRP A 365 -25.74 -8.38 21.85
N SER A 366 -26.44 -9.28 21.17
CA SER A 366 -25.75 -10.42 20.55
C SER A 366 -24.90 -9.94 19.36
N ILE A 367 -23.77 -10.61 19.08
CA ILE A 367 -22.91 -10.28 17.92
C ILE A 367 -23.61 -10.73 16.61
N GLU A 368 -24.67 -11.55 16.71
CA GLU A 368 -25.36 -11.91 15.48
C GLU A 368 -26.08 -10.69 14.86
N ASN A 369 -26.29 -9.60 15.63
CA ASN A 369 -26.95 -8.39 15.13
C ASN A 369 -26.14 -7.58 14.13
N ILE A 370 -24.82 -7.72 14.19
CA ILE A 370 -23.90 -6.88 13.47
C ILE A 370 -22.93 -7.60 12.56
N ALA A 371 -22.44 -6.86 11.55
CA ALA A 371 -21.38 -7.23 10.66
C ALA A 371 -20.50 -5.97 10.57
N PHE A 372 -19.25 -6.14 10.14
CA PHE A 372 -18.32 -5.03 10.05
C PHE A 372 -17.79 -4.90 8.65
N GLY A 373 -17.65 -3.68 8.19
CA GLY A 373 -17.05 -3.36 6.90
C GLY A 373 -15.74 -2.65 7.23
N SER A 374 -14.61 -3.10 6.66
CA SER A 374 -13.32 -2.48 6.97
C SER A 374 -12.59 -2.18 5.67
N GLY A 375 -12.12 -0.93 5.53
CA GLY A 375 -11.42 -0.47 4.34
C GLY A 375 -9.93 -0.36 4.57
N GLY A 376 -9.46 0.83 4.90
CA GLY A 376 -8.04 1.10 5.20
C GLY A 376 -7.47 0.25 6.32
N GLY A 377 -8.24 0.04 7.38
CA GLY A 377 -7.79 -0.78 8.51
C GLY A 377 -7.48 -2.21 8.11
N LEU A 378 -8.23 -2.73 7.13
CA LEU A 378 -8.06 -4.10 6.64
C LEU A 378 -6.94 -4.26 5.60
N LEU A 379 -6.87 -3.34 4.63
CA LEU A 379 -5.92 -3.46 3.52
C LEU A 379 -4.78 -2.45 3.39
N GLN A 380 -4.87 -1.31 4.08
CA GLN A 380 -3.85 -0.28 3.88
C GLN A 380 -3.03 0.11 5.11
N LYS A 381 -3.65 0.12 6.29
CA LYS A 381 -2.99 0.57 7.52
C LYS A 381 -2.17 -0.59 8.12
N LEU A 382 -1.19 -1.05 7.35
CA LEU A 382 -0.30 -2.16 7.72
C LEU A 382 1.03 -1.89 7.12
N THR A 383 2.07 -2.27 7.85
CA THR A 383 3.44 -2.09 7.36
C THR A 383 4.26 -3.37 7.58
N ARG A 384 5.45 -3.41 6.97
CA ARG A 384 6.38 -4.52 7.07
C ARG A 384 6.91 -4.61 8.51
N ASP A 385 6.78 -3.53 9.30
CA ASP A 385 7.21 -3.50 10.70
C ASP A 385 6.27 -4.24 11.64
N LEU A 386 4.98 -4.38 11.27
CA LEU A 386 3.98 -5.01 12.11
C LEU A 386 4.38 -6.43 12.50
N LEU A 387 4.81 -7.28 11.53
CA LEU A 387 5.29 -8.64 11.84
C LEU A 387 6.81 -8.76 11.68
N ASN A 388 7.50 -7.65 11.47
CA ASN A 388 8.98 -7.61 11.31
C ASN A 388 9.46 -8.60 10.25
N CYS A 389 8.80 -8.57 9.09
CA CYS A 389 9.11 -9.44 7.95
C CYS A 389 10.47 -9.03 7.42
N SER A 390 11.40 -9.98 7.35
CA SER A 390 12.78 -9.70 7.01
C SER A 390 13.42 -10.87 6.24
N PHE A 391 14.28 -10.55 5.28
CA PHE A 391 14.98 -11.49 4.43
C PHE A 391 16.44 -11.24 4.67
N LYS A 392 17.21 -12.29 5.03
CA LYS A 392 18.63 -12.14 5.34
C LYS A 392 19.42 -13.34 4.90
N CYS A 393 20.69 -13.11 4.55
CA CYS A 393 21.65 -14.16 4.21
C CYS A 393 22.07 -14.87 5.48
N SER A 394 21.97 -16.23 5.47
CA SER A 394 22.39 -17.02 6.64
C SER A 394 23.53 -18.00 6.32
N TYR A 395 23.84 -18.21 5.03
CA TYR A 395 24.85 -19.21 4.65
C TYR A 395 25.47 -18.85 3.32
N VAL A 396 26.79 -19.03 3.26
CA VAL A 396 27.55 -18.78 2.03
C VAL A 396 28.60 -19.86 1.87
N VAL A 397 28.98 -20.17 0.61
CA VAL A 397 30.08 -21.10 0.32
C VAL A 397 31.12 -20.24 -0.41
N THR A 398 32.32 -20.12 0.18
CA THR A 398 33.44 -19.34 -0.33
C THR A 398 34.66 -20.26 -0.30
N ASN A 399 35.38 -20.37 -1.43
CA ASN A 399 36.55 -21.23 -1.60
C ASN A 399 36.20 -22.69 -1.25
N GLY A 400 34.98 -23.10 -1.63
CA GLY A 400 34.45 -24.43 -1.39
C GLY A 400 34.04 -24.75 0.05
N LEU A 401 34.23 -23.81 1.00
CA LEU A 401 33.89 -24.00 2.41
C LEU A 401 32.63 -23.20 2.78
N GLY A 402 31.66 -23.90 3.35
CA GLY A 402 30.41 -23.30 3.79
C GLY A 402 30.62 -22.59 5.10
N ILE A 403 30.13 -21.34 5.24
CA ILE A 403 30.24 -20.61 6.50
C ILE A 403 28.86 -20.07 6.91
N ASN A 404 28.57 -20.14 8.23
CA ASN A 404 27.30 -19.67 8.77
C ASN A 404 27.44 -18.17 9.02
N VAL A 405 26.58 -17.37 8.40
CA VAL A 405 26.65 -15.92 8.47
C VAL A 405 25.38 -15.32 9.09
N PHE A 406 25.54 -14.14 9.67
CA PHE A 406 24.42 -13.51 10.39
C PHE A 406 24.79 -12.09 10.71
N LYS A 407 23.79 -11.30 11.12
CA LYS A 407 23.99 -9.97 11.66
C LYS A 407 23.58 -10.04 13.12
N ASP A 408 24.19 -9.23 13.97
CA ASP A 408 23.88 -9.17 15.40
C ASP A 408 24.17 -7.75 15.90
N PRO A 409 23.36 -6.72 15.50
CA PRO A 409 23.71 -5.34 15.89
C PRO A 409 23.76 -5.14 17.39
N VAL A 410 24.85 -4.54 17.89
CA VAL A 410 25.08 -4.32 19.35
C VAL A 410 23.87 -3.65 20.06
N ALA A 411 23.30 -2.58 19.46
CA ALA A 411 22.18 -1.84 20.05
C ALA A 411 20.79 -2.47 19.87
N ASP A 412 20.66 -3.55 19.06
CA ASP A 412 19.33 -4.16 18.88
C ASP A 412 19.38 -5.69 18.73
N PRO A 413 19.32 -6.43 19.87
CA PRO A 413 19.26 -7.90 19.82
C PRO A 413 18.07 -8.48 19.04
N ASN A 414 16.98 -7.70 18.88
CA ASN A 414 15.81 -8.12 18.10
C ASN A 414 16.15 -8.26 16.62
N LYS A 415 17.20 -7.56 16.13
CA LYS A 415 17.63 -7.59 14.72
C LYS A 415 18.67 -8.69 14.43
N ARG A 416 18.98 -9.54 15.43
CA ARG A 416 19.92 -10.64 15.26
C ARG A 416 19.30 -11.66 14.27
N SER A 417 20.06 -12.06 13.25
CA SER A 417 19.53 -13.01 12.29
C SER A 417 20.02 -14.44 12.56
N LYS A 418 19.34 -15.43 11.96
CA LYS A 418 19.64 -16.86 12.11
C LYS A 418 20.93 -17.27 11.36
N LYS A 419 21.59 -18.35 11.82
CA LYS A 419 22.87 -18.81 11.23
C LYS A 419 22.75 -20.14 10.50
N GLY A 420 23.40 -20.20 9.35
CA GLY A 420 23.53 -21.42 8.55
C GLY A 420 22.34 -21.86 7.77
N ARG A 421 22.36 -23.13 7.35
CA ARG A 421 21.27 -23.75 6.60
C ARG A 421 20.13 -24.03 7.59
N LEU A 422 18.92 -23.72 7.17
CA LEU A 422 17.74 -23.80 8.04
C LEU A 422 16.74 -24.79 7.57
N SER A 423 15.95 -25.30 8.51
CA SER A 423 14.85 -26.22 8.26
C SER A 423 13.79 -25.98 9.31
N LEU A 424 12.50 -26.18 8.96
CA LEU A 424 11.36 -25.97 9.86
C LEU A 424 10.78 -27.34 10.29
N HIS A 425 10.63 -27.54 11.60
CA HIS A 425 10.15 -28.84 12.10
C HIS A 425 9.04 -28.75 13.12
N ARG A 426 8.30 -29.86 13.28
CA ARG A 426 7.30 -30.06 14.31
C ARG A 426 8.08 -30.53 15.52
N THR A 427 7.79 -29.98 16.69
CA THR A 427 8.46 -30.38 17.92
C THR A 427 7.68 -31.61 18.48
N PRO A 428 8.16 -32.34 19.52
CA PRO A 428 7.35 -33.45 20.06
C PRO A 428 5.96 -33.03 20.58
N ALA A 429 5.82 -31.80 21.15
CA ALA A 429 4.53 -31.29 21.63
C ALA A 429 3.63 -30.71 20.53
N GLY A 430 4.07 -30.80 19.27
CA GLY A 430 3.33 -30.33 18.11
C GLY A 430 3.46 -28.84 17.81
N ASN A 431 4.54 -28.22 18.27
CA ASN A 431 4.80 -26.81 18.01
C ASN A 431 5.79 -26.74 16.86
N PHE A 432 6.35 -25.57 16.61
CA PHE A 432 7.30 -25.42 15.52
C PHE A 432 8.67 -25.04 16.04
N VAL A 433 9.72 -25.45 15.33
CA VAL A 433 11.10 -25.08 15.66
C VAL A 433 11.86 -24.92 14.37
N THR A 434 12.66 -23.86 14.30
CA THR A 434 13.55 -23.65 13.17
C THR A 434 14.95 -24.09 13.62
N LEU A 435 15.47 -25.14 12.98
CA LEU A 435 16.83 -25.62 13.27
C LEU A 435 17.82 -24.85 12.41
N GLU A 436 18.88 -24.39 13.05
CA GLU A 436 19.93 -23.59 12.42
C GLU A 436 21.20 -24.44 12.24
N GLU A 437 22.20 -23.91 11.50
CA GLU A 437 23.53 -24.51 11.26
C GLU A 437 23.46 -25.91 10.63
N GLY A 438 22.45 -26.13 9.78
CA GLY A 438 22.22 -27.39 9.09
C GLY A 438 21.89 -28.54 10.02
N LYS A 439 21.52 -28.24 11.30
CA LYS A 439 21.18 -29.28 12.31
C LYS A 439 19.95 -30.14 11.95
N GLY A 440 19.15 -29.70 10.98
CA GLY A 440 18.04 -30.49 10.47
C GLY A 440 18.54 -31.79 9.83
N ASP A 441 19.83 -31.80 9.37
CA ASP A 441 20.51 -32.97 8.78
C ASP A 441 20.60 -34.14 9.74
N LEU A 442 20.67 -33.86 11.05
CA LEU A 442 20.58 -34.87 12.10
C LEU A 442 19.07 -35.24 12.05
N GLU A 443 18.72 -36.52 12.02
CA GLU A 443 17.30 -36.85 11.91
C GLU A 443 16.60 -36.87 13.29
N GLU A 444 16.83 -35.81 14.11
CA GLU A 444 16.30 -35.72 15.49
C GLU A 444 14.86 -35.25 15.55
N TYR A 445 14.42 -34.54 14.54
CA TYR A 445 13.05 -34.07 14.42
C TYR A 445 12.46 -34.75 13.17
N GLY A 446 11.18 -34.51 12.90
CA GLY A 446 10.51 -35.09 11.74
C GLY A 446 11.04 -34.50 10.45
N GLN A 447 10.31 -34.68 9.36
CA GLN A 447 10.74 -34.15 8.06
C GLN A 447 10.62 -32.60 8.06
N ASP A 448 11.48 -31.96 7.30
CA ASP A 448 11.50 -30.51 7.12
C ASP A 448 10.16 -30.08 6.49
N LEU A 449 9.48 -29.08 7.10
CA LEU A 449 8.19 -28.59 6.58
C LEU A 449 8.33 -27.67 5.36
N LEU A 450 9.55 -27.25 4.98
CA LEU A 450 9.76 -26.43 3.78
C LEU A 450 9.85 -27.35 2.58
N HIS A 451 9.10 -27.04 1.53
CA HIS A 451 9.09 -27.83 0.29
C HIS A 451 9.59 -26.98 -0.85
N THR A 452 10.20 -27.60 -1.89
CA THR A 452 10.65 -26.84 -3.04
C THR A 452 9.41 -26.34 -3.80
N VAL A 453 9.30 -25.02 -3.98
CA VAL A 453 8.15 -24.43 -4.69
C VAL A 453 8.59 -23.83 -6.01
N PHE A 454 9.89 -23.58 -6.12
CA PHE A 454 10.47 -23.00 -7.32
C PHE A 454 11.86 -23.57 -7.50
N LYS A 455 12.17 -23.96 -8.74
CA LYS A 455 13.50 -24.45 -9.09
C LYS A 455 13.72 -24.27 -10.57
N ASN A 456 14.79 -23.53 -10.90
CA ASN A 456 15.31 -23.28 -12.25
C ASN A 456 14.24 -22.77 -13.24
N GLY A 457 13.51 -21.73 -12.82
CA GLY A 457 12.51 -21.08 -13.65
C GLY A 457 11.15 -21.74 -13.67
N LYS A 458 10.94 -22.80 -12.88
CA LYS A 458 9.65 -23.50 -12.85
C LYS A 458 9.04 -23.56 -11.48
N VAL A 459 7.71 -23.39 -11.43
CA VAL A 459 6.99 -23.53 -10.17
C VAL A 459 6.78 -25.03 -9.96
N THR A 460 7.37 -25.59 -8.91
CA THR A 460 7.41 -27.04 -8.71
C THR A 460 6.29 -27.58 -7.84
N LYS A 461 5.69 -26.73 -7.02
CA LYS A 461 4.59 -27.11 -6.13
C LYS A 461 3.64 -25.92 -5.99
N SER A 462 2.34 -26.19 -6.13
CA SER A 462 1.24 -25.24 -6.04
C SER A 462 0.14 -25.68 -5.08
N TYR A 463 -0.60 -24.73 -4.52
CA TYR A 463 -1.70 -24.96 -3.61
C TYR A 463 -2.94 -24.33 -4.17
N SER A 464 -4.08 -24.97 -3.97
CA SER A 464 -5.31 -24.36 -4.41
C SER A 464 -5.75 -23.38 -3.31
N PHE A 465 -6.64 -22.47 -3.65
CA PHE A 465 -7.13 -21.54 -2.64
C PHE A 465 -7.93 -22.28 -1.54
N ASP A 466 -8.53 -23.43 -1.91
CA ASP A 466 -9.28 -24.28 -0.96
C ASP A 466 -8.36 -24.90 0.07
N GLU A 467 -7.16 -25.37 -0.34
CA GLU A 467 -6.16 -25.95 0.57
C GLU A 467 -5.67 -24.86 1.53
N ILE A 468 -5.44 -23.64 1.01
CA ILE A 468 -4.94 -22.52 1.81
C ILE A 468 -5.92 -22.16 2.95
N ARG A 469 -7.21 -22.04 2.62
CA ARG A 469 -8.31 -21.76 3.56
C ARG A 469 -8.38 -22.82 4.66
N LYS A 470 -8.23 -24.10 4.26
CA LYS A 470 -8.23 -25.24 5.20
C LYS A 470 -7.05 -25.11 6.14
N ASN A 471 -5.85 -24.82 5.59
CA ASN A 471 -4.65 -24.66 6.41
C ASN A 471 -4.74 -23.52 7.39
N ALA A 472 -5.46 -22.44 7.02
CA ALA A 472 -5.63 -21.20 7.81
C ALA A 472 -6.81 -21.19 8.80
N GLN A 473 -7.54 -22.29 8.88
CA GLN A 473 -8.69 -22.43 9.79
C GLN A 473 -8.35 -22.12 11.24
N LEU A 474 -9.32 -21.61 11.99
CA LEU A 474 -9.13 -21.37 13.40
C LEU A 474 -9.38 -22.71 14.10
N ASN A 475 -8.74 -22.91 15.26
CA ASN A 475 -8.92 -24.10 16.11
C ASN A 475 -10.38 -24.33 16.58
N ILE A 476 -11.11 -23.28 17.05
CA ILE A 476 -12.48 -23.39 17.60
C ILE A 476 -13.44 -24.26 16.76
N PHE B 1 -6.69 -5.91 -17.98
CA PHE B 1 -7.50 -5.07 -17.09
C PHE B 1 -8.90 -4.89 -17.63
N ASN B 2 -9.89 -5.06 -16.76
CA ASN B 2 -11.28 -4.90 -17.08
C ASN B 2 -11.95 -3.87 -16.15
N ILE B 3 -12.19 -2.65 -16.65
CA ILE B 3 -12.82 -1.55 -15.91
C ILE B 3 -14.21 -1.92 -15.32
N LEU B 4 -14.87 -2.93 -15.90
CA LEU B 4 -16.17 -3.44 -15.44
C LEU B 4 -16.01 -4.24 -14.15
N LEU B 5 -14.77 -4.69 -13.86
CA LEU B 5 -14.45 -5.45 -12.66
C LEU B 5 -13.47 -4.65 -11.78
N ALA B 6 -13.39 -3.32 -11.99
CA ALA B 6 -12.47 -2.45 -11.25
C ALA B 6 -13.20 -1.37 -10.43
N THR B 7 -14.28 -1.79 -9.78
CA THR B 7 -15.08 -0.93 -8.91
C THR B 7 -15.47 -1.71 -7.62
N ASP B 8 -15.94 -0.99 -6.61
CA ASP B 8 -16.44 -1.65 -5.40
C ASP B 8 -17.70 -2.36 -5.87
N SER B 9 -17.87 -3.62 -5.48
CA SER B 9 -19.04 -4.41 -5.88
C SER B 9 -20.38 -3.68 -5.77
N TYR B 10 -20.64 -2.97 -4.66
CA TYR B 10 -21.94 -2.34 -4.49
C TYR B 10 -22.28 -1.32 -5.58
N LYS B 11 -21.27 -0.75 -6.26
CA LYS B 11 -21.49 0.20 -7.34
C LYS B 11 -22.17 -0.45 -8.54
N VAL B 12 -22.07 -1.78 -8.67
CA VAL B 12 -22.72 -2.57 -9.73
C VAL B 12 -24.25 -2.44 -9.60
N THR B 13 -24.74 -2.18 -8.40
CA THR B 13 -26.18 -2.09 -8.07
C THR B 13 -26.74 -0.66 -8.00
N HIS B 14 -25.88 0.35 -8.11
CA HIS B 14 -26.30 1.75 -7.99
C HIS B 14 -27.18 2.29 -9.16
N TYR B 15 -27.04 1.78 -10.37
CA TYR B 15 -27.86 2.26 -11.51
C TYR B 15 -29.37 2.12 -11.25
N LYS B 16 -29.74 1.16 -10.39
CA LYS B 16 -31.10 0.87 -9.97
C LYS B 16 -31.49 1.69 -8.74
N GLN B 17 -30.60 2.53 -8.22
CA GLN B 17 -30.87 3.27 -6.95
C GLN B 17 -31.07 4.77 -7.07
N TYR B 18 -30.57 5.35 -8.17
CA TYR B 18 -30.67 6.80 -8.42
C TYR B 18 -32.13 7.16 -8.70
N PRO B 19 -32.57 8.42 -8.49
CA PRO B 19 -33.97 8.76 -8.81
C PRO B 19 -34.25 8.51 -10.29
N PRO B 20 -35.44 7.97 -10.66
CA PRO B 20 -35.70 7.77 -12.08
C PRO B 20 -35.62 9.11 -12.83
N ASN B 21 -35.22 9.09 -14.10
CA ASN B 21 -35.06 10.28 -14.96
C ASN B 21 -33.88 11.16 -14.56
N THR B 22 -32.81 10.55 -14.03
CA THR B 22 -31.58 11.26 -13.70
C THR B 22 -30.71 11.24 -14.94
N SER B 23 -30.33 12.42 -15.46
CA SER B 23 -29.54 12.55 -16.68
C SER B 23 -28.08 12.96 -16.43
N LYS B 24 -27.79 13.45 -15.22
CA LYS B 24 -26.46 13.91 -14.84
C LYS B 24 -26.14 13.58 -13.38
N VAL B 25 -24.95 13.04 -13.14
CA VAL B 25 -24.36 12.83 -11.80
C VAL B 25 -23.02 13.53 -11.89
N TYR B 26 -22.83 14.53 -11.01
CA TYR B 26 -21.61 15.35 -10.98
C TYR B 26 -20.98 15.17 -9.63
N SER B 27 -19.72 14.70 -9.63
CA SER B 27 -19.00 14.43 -8.40
C SER B 27 -17.66 15.12 -8.36
N TYR B 28 -17.09 15.26 -7.17
CA TYR B 28 -15.81 15.92 -7.00
C TYR B 28 -14.95 15.24 -5.96
N PHE B 29 -13.65 15.51 -6.03
CA PHE B 29 -12.63 15.03 -5.11
C PHE B 29 -12.03 16.16 -4.31
N GLU B 30 -11.81 15.95 -3.03
CA GLU B 30 -11.11 16.94 -2.17
C GLU B 30 -10.34 16.23 -1.05
N CYS B 31 -9.37 16.92 -0.48
CA CYS B 31 -8.62 16.46 0.69
C CYS B 31 -9.22 17.31 1.82
N ARG B 32 -10.30 16.78 2.41
CA ARG B 32 -11.14 17.44 3.40
C ARG B 32 -10.37 18.06 4.54
N GLU B 33 -10.85 19.23 5.01
CA GLU B 33 -10.49 20.07 6.16
C GLU B 33 -9.80 21.38 5.81
N TYR B 46 -0.61 19.02 7.93
CA TYR B 46 -0.67 18.93 6.47
C TYR B 46 -1.72 19.91 5.90
N GLU B 47 -1.45 21.19 5.97
CA GLU B 47 -2.32 22.28 5.54
C GLU B 47 -2.55 22.38 4.02
N GLU B 48 -1.63 21.85 3.23
CA GLU B 48 -1.66 21.97 1.77
C GLU B 48 -1.23 20.67 1.13
N THR B 49 -1.81 20.35 -0.02
CA THR B 49 -1.51 19.07 -0.69
C THR B 49 -0.95 19.26 -2.08
N VAL B 50 -0.04 18.38 -2.48
CA VAL B 50 0.54 18.38 -3.83
C VAL B 50 -0.42 17.52 -4.66
N PHE B 51 -1.03 18.10 -5.70
CA PHE B 51 -1.95 17.30 -6.55
C PHE B 51 -1.12 16.57 -7.57
N TYR B 52 -1.03 15.26 -7.44
CA TYR B 52 -0.24 14.46 -8.37
C TYR B 52 -0.79 13.06 -8.50
N GLY B 53 -0.76 12.51 -9.72
CA GLY B 53 -1.10 11.11 -9.95
C GLY B 53 -2.26 10.80 -10.87
N LEU B 54 -3.14 11.78 -11.08
CA LEU B 54 -4.34 11.60 -11.89
C LEU B 54 -3.96 11.18 -13.33
N GLN B 55 -2.97 11.85 -13.95
CA GLN B 55 -2.54 11.57 -15.32
C GLN B 55 -2.19 10.10 -15.55
N TYR B 56 -1.54 9.47 -14.58
CA TYR B 56 -1.19 8.05 -14.63
C TYR B 56 -2.46 7.19 -14.80
N ILE B 57 -3.45 7.43 -13.94
CA ILE B 57 -4.73 6.72 -13.91
C ILE B 57 -5.52 6.92 -15.22
N LEU B 58 -5.62 8.17 -15.68
CA LEU B 58 -6.30 8.50 -16.95
C LEU B 58 -5.75 7.68 -18.14
N ASN B 59 -4.43 7.61 -18.28
CA ASN B 59 -3.73 6.90 -19.36
C ASN B 59 -3.75 5.40 -19.22
N LYS B 60 -3.42 4.88 -18.01
CA LYS B 60 -3.37 3.44 -17.82
C LYS B 60 -4.74 2.76 -17.82
N TYR B 61 -5.76 3.40 -17.21
CA TYR B 61 -7.05 2.75 -17.00
C TYR B 61 -8.29 3.34 -17.66
N LEU B 62 -8.32 4.66 -17.92
CA LEU B 62 -9.57 5.26 -18.39
C LEU B 62 -9.66 5.57 -19.86
N LYS B 63 -8.53 5.86 -20.54
CA LYS B 63 -8.56 6.29 -21.93
C LYS B 63 -8.74 5.16 -22.94
N GLY B 64 -9.22 5.55 -24.12
CA GLY B 64 -9.41 4.65 -25.25
C GLY B 64 -10.58 3.71 -25.09
N LYS B 65 -10.52 2.60 -25.81
CA LYS B 65 -11.56 1.58 -25.84
C LYS B 65 -11.37 0.71 -24.59
N VAL B 66 -12.16 0.99 -23.56
CA VAL B 66 -12.09 0.28 -22.28
C VAL B 66 -13.18 -0.78 -22.13
N VAL B 67 -14.12 -0.81 -23.09
CA VAL B 67 -15.24 -1.76 -23.08
C VAL B 67 -15.19 -2.57 -24.37
N THR B 68 -15.32 -3.90 -24.25
CA THR B 68 -15.41 -4.85 -25.36
C THR B 68 -16.54 -5.83 -25.04
N LYS B 69 -17.05 -6.58 -26.04
CA LYS B 69 -18.09 -7.60 -25.81
C LYS B 69 -17.59 -8.67 -24.82
N GLU B 70 -16.30 -9.04 -24.91
CA GLU B 70 -15.65 -10.02 -24.02
C GLU B 70 -15.61 -9.53 -22.57
N LYS B 71 -15.31 -8.23 -22.36
CA LYS B 71 -15.24 -7.64 -21.01
C LYS B 71 -16.62 -7.60 -20.38
N ILE B 72 -17.66 -7.32 -21.19
CA ILE B 72 -19.05 -7.32 -20.71
C ILE B 72 -19.45 -8.73 -20.26
N GLN B 73 -19.19 -9.75 -21.10
CA GLN B 73 -19.51 -11.15 -20.80
C GLN B 73 -18.79 -11.62 -19.54
N GLU B 74 -17.46 -11.35 -19.43
CA GLU B 74 -16.62 -11.69 -18.27
C GLU B 74 -17.24 -11.11 -16.98
N ALA B 75 -17.54 -9.80 -16.97
CA ALA B 75 -18.15 -9.13 -15.81
C ALA B 75 -19.51 -9.72 -15.46
N LYS B 76 -20.37 -9.96 -16.48
CA LYS B 76 -21.70 -10.56 -16.31
C LYS B 76 -21.61 -11.89 -15.57
N ASP B 77 -20.66 -12.77 -16.00
CA ASP B 77 -20.45 -14.11 -15.42
C ASP B 77 -19.92 -14.03 -13.98
N VAL B 78 -18.99 -13.09 -13.72
CA VAL B 78 -18.42 -12.92 -12.37
C VAL B 78 -19.50 -12.40 -11.41
N TYR B 79 -20.21 -11.33 -11.81
CA TYR B 79 -21.23 -10.73 -10.95
C TYR B 79 -22.41 -11.66 -10.67
N LYS B 80 -22.77 -12.52 -11.64
CA LYS B 80 -23.86 -13.49 -11.47
C LYS B 80 -23.55 -14.39 -10.27
N GLU B 81 -22.29 -14.84 -10.16
CA GLU B 81 -21.84 -15.69 -9.07
C GLU B 81 -21.54 -14.89 -7.78
N HIS B 82 -20.92 -13.70 -7.94
CA HIS B 82 -20.53 -12.86 -6.80
C HIS B 82 -21.72 -12.38 -5.96
N PHE B 83 -22.81 -11.94 -6.64
CA PHE B 83 -24.07 -11.51 -6.02
C PHE B 83 -25.11 -12.62 -5.89
N GLN B 84 -24.87 -13.78 -6.55
CA GLN B 84 -25.83 -14.91 -6.57
C GLN B 84 -27.16 -14.37 -7.13
N ASP B 85 -27.07 -13.46 -8.11
CA ASP B 85 -28.18 -12.74 -8.71
C ASP B 85 -27.73 -11.96 -9.93
N ASP B 86 -28.68 -11.58 -10.79
CA ASP B 86 -28.37 -10.79 -11.97
C ASP B 86 -28.81 -9.36 -11.67
N VAL B 87 -27.83 -8.50 -11.42
CA VAL B 87 -28.03 -7.10 -11.07
C VAL B 87 -27.11 -6.26 -11.92
N PHE B 88 -26.24 -6.90 -12.68
CA PHE B 88 -25.28 -6.24 -13.54
C PHE B 88 -25.94 -5.53 -14.73
N ASN B 89 -25.61 -4.23 -14.90
CA ASN B 89 -26.12 -3.39 -15.97
C ASN B 89 -25.48 -3.72 -17.35
N GLU B 90 -25.81 -4.90 -17.89
CA GLU B 90 -25.30 -5.34 -19.19
C GLU B 90 -25.74 -4.36 -20.29
N LYS B 91 -27.01 -3.92 -20.27
CA LYS B 91 -27.60 -2.96 -21.22
C LYS B 91 -26.84 -1.62 -21.25
N GLY B 92 -26.51 -1.08 -20.09
CA GLY B 92 -25.78 0.18 -19.94
C GLY B 92 -24.39 0.15 -20.50
N TRP B 93 -23.64 -0.92 -20.22
CA TRP B 93 -22.29 -1.10 -20.74
C TRP B 93 -22.29 -1.41 -22.24
N ASN B 94 -23.33 -2.14 -22.74
CA ASN B 94 -23.48 -2.42 -24.17
C ASN B 94 -23.73 -1.14 -24.95
N TYR B 95 -24.49 -0.20 -24.36
CA TYR B 95 -24.77 1.12 -24.91
C TYR B 95 -23.45 1.89 -25.16
N ILE B 96 -22.51 1.86 -24.18
CA ILE B 96 -21.20 2.52 -24.29
C ILE B 96 -20.39 1.88 -25.44
N LEU B 97 -20.38 0.55 -25.49
CA LEU B 97 -19.65 -0.19 -26.52
C LEU B 97 -20.20 0.15 -27.94
N GLU B 98 -21.53 0.18 -28.08
CA GLU B 98 -22.18 0.43 -29.38
C GLU B 98 -22.15 1.91 -29.81
N LYS B 99 -22.53 2.84 -28.91
CA LYS B 99 -22.55 4.26 -29.21
C LYS B 99 -21.18 4.93 -29.30
N TYR B 100 -20.25 4.59 -28.38
CA TYR B 100 -18.97 5.28 -28.32
C TYR B 100 -17.74 4.44 -28.58
N ASP B 101 -17.92 3.27 -29.20
CA ASP B 101 -16.85 2.31 -29.46
C ASP B 101 -16.04 2.01 -28.17
N GLY B 102 -16.77 1.87 -27.07
CA GLY B 102 -16.23 1.54 -25.76
C GLY B 102 -15.47 2.64 -25.05
N HIS B 103 -15.56 3.90 -25.54
CA HIS B 103 -14.91 5.08 -24.95
C HIS B 103 -15.86 5.67 -23.93
N LEU B 104 -15.34 6.01 -22.74
CA LEU B 104 -16.14 6.53 -21.62
C LEU B 104 -16.73 7.91 -21.86
N PRO B 105 -18.07 8.04 -21.87
CA PRO B 105 -18.67 9.38 -22.02
C PRO B 105 -18.66 10.13 -20.69
N ILE B 106 -17.47 10.55 -20.27
CA ILE B 106 -17.17 11.22 -19.00
C ILE B 106 -16.31 12.46 -19.26
N GLU B 107 -16.51 13.53 -18.48
CA GLU B 107 -15.61 14.69 -18.54
C GLU B 107 -15.00 14.88 -17.15
N ILE B 108 -13.65 14.95 -17.08
CA ILE B 108 -12.90 15.16 -15.85
C ILE B 108 -12.14 16.50 -15.97
N LYS B 109 -12.38 17.42 -15.00
CA LYS B 109 -11.71 18.73 -14.89
C LYS B 109 -10.84 18.63 -13.66
N ALA B 110 -9.57 19.06 -13.76
CA ALA B 110 -8.65 18.96 -12.64
C ALA B 110 -7.70 20.15 -12.54
N VAL B 111 -7.21 20.41 -11.30
CA VAL B 111 -6.19 21.42 -11.02
C VAL B 111 -4.86 20.88 -11.67
N PRO B 112 -3.96 21.74 -12.22
CA PRO B 112 -2.74 21.21 -12.86
C PRO B 112 -1.90 20.40 -11.90
N GLU B 113 -1.34 19.30 -12.35
CA GLU B 113 -0.51 18.45 -11.51
C GLU B 113 0.74 19.18 -11.03
N GLY B 114 1.09 18.93 -9.76
CA GLY B 114 2.20 19.58 -9.09
C GLY B 114 1.71 20.76 -8.27
N PHE B 115 0.47 21.25 -8.57
CA PHE B 115 -0.12 22.36 -7.83
C PHE B 115 -0.23 22.01 -6.36
N VAL B 116 0.12 22.99 -5.52
CA VAL B 116 0.09 22.88 -4.06
C VAL B 116 -1.12 23.68 -3.57
N ILE B 117 -2.18 22.98 -3.11
CA ILE B 117 -3.48 23.56 -2.77
C ILE B 117 -3.82 23.37 -1.31
N PRO B 118 -4.37 24.40 -0.60
CA PRO B 118 -4.81 24.16 0.77
C PRO B 118 -5.93 23.12 0.86
N ARG B 119 -6.02 22.43 2.02
CA ARG B 119 -7.06 21.43 2.30
C ARG B 119 -8.45 22.03 2.14
N GLY B 120 -9.40 21.18 1.76
CA GLY B 120 -10.81 21.54 1.62
C GLY B 120 -11.17 22.25 0.34
N ASN B 121 -10.37 22.05 -0.69
CA ASN B 121 -10.62 22.62 -2.02
C ASN B 121 -10.88 21.56 -3.05
N VAL B 122 -11.70 21.87 -4.07
CA VAL B 122 -11.95 20.95 -5.18
C VAL B 122 -10.65 20.75 -5.94
N LEU B 123 -10.28 19.47 -6.16
CA LEU B 123 -9.05 19.12 -6.90
C LEU B 123 -9.35 18.62 -8.32
N PHE B 124 -10.48 17.91 -8.46
CA PHE B 124 -10.98 17.40 -9.74
C PHE B 124 -12.46 17.13 -9.65
N THR B 125 -13.17 17.21 -10.78
CA THR B 125 -14.62 16.95 -10.86
C THR B 125 -14.83 15.93 -11.95
N VAL B 126 -15.90 15.15 -11.83
CA VAL B 126 -16.25 14.09 -12.79
C VAL B 126 -17.73 14.20 -13.08
N GLU B 127 -18.11 14.10 -14.37
CA GLU B 127 -19.51 14.10 -14.77
C GLU B 127 -19.72 13.31 -16.09
N ASN B 128 -20.91 12.76 -16.30
CA ASN B 128 -21.20 12.03 -17.53
C ASN B 128 -21.56 13.03 -18.63
N THR B 129 -21.20 12.71 -19.90
CA THR B 129 -21.49 13.60 -21.04
C THR B 129 -22.69 13.09 -21.84
N ASP B 130 -23.24 11.93 -21.46
CA ASP B 130 -24.42 11.34 -22.09
C ASP B 130 -25.45 11.06 -20.99
N PRO B 131 -26.74 11.47 -21.17
CA PRO B 131 -27.77 11.19 -20.14
C PRO B 131 -27.95 9.73 -19.77
N GLU B 132 -27.77 8.80 -20.73
CA GLU B 132 -27.91 7.36 -20.47
C GLU B 132 -26.82 6.83 -19.49
N CYS B 133 -25.71 7.58 -19.38
CA CYS B 133 -24.56 7.17 -18.58
C CYS B 133 -24.42 7.91 -17.24
N TYR B 134 -25.54 8.35 -16.66
CA TYR B 134 -25.61 9.00 -15.33
C TYR B 134 -24.92 8.16 -14.23
N TRP B 135 -25.02 6.82 -14.32
CA TRP B 135 -24.47 5.84 -13.37
C TRP B 135 -22.95 5.68 -13.49
N LEU B 136 -22.37 6.16 -14.61
CA LEU B 136 -20.94 5.99 -14.87
C LEU B 136 -20.07 6.88 -13.99
N THR B 137 -20.52 8.10 -13.69
CA THR B 137 -19.74 9.04 -12.88
C THR B 137 -19.16 8.38 -11.63
N ASN B 138 -20.03 7.74 -10.82
CA ASN B 138 -19.61 7.15 -9.57
C ASN B 138 -19.09 5.71 -9.71
N TRP B 139 -19.30 5.03 -10.86
CA TRP B 139 -18.73 3.70 -11.12
C TRP B 139 -17.20 3.80 -10.99
N ILE B 140 -16.64 4.87 -11.54
CA ILE B 140 -15.19 5.14 -11.59
C ILE B 140 -14.66 5.90 -10.36
N GLU B 141 -15.47 6.04 -9.31
CA GLU B 141 -14.98 6.66 -8.07
C GLU B 141 -13.81 5.82 -7.51
N THR B 142 -13.97 4.50 -7.42
CA THR B 142 -12.96 3.62 -6.81
C THR B 142 -11.56 3.81 -7.41
N ILE B 143 -11.46 3.74 -8.75
CA ILE B 143 -10.20 3.92 -9.48
C ILE B 143 -9.62 5.35 -9.29
N LEU B 144 -10.45 6.37 -9.35
CA LEU B 144 -9.98 7.76 -9.21
C LEU B 144 -9.59 8.09 -7.79
N VAL B 145 -10.31 7.53 -6.79
CA VAL B 145 -10.02 7.82 -5.36
C VAL B 145 -8.64 7.31 -4.97
N GLN B 146 -8.13 6.31 -5.69
CA GLN B 146 -6.77 5.77 -5.51
C GLN B 146 -5.70 6.85 -5.77
N SER B 147 -6.12 8.02 -6.32
CA SER B 147 -5.23 9.19 -6.51
C SER B 147 -4.76 9.64 -5.11
N TRP B 148 -5.51 9.29 -4.05
CA TRP B 148 -5.09 9.64 -2.68
C TRP B 148 -3.63 9.27 -2.42
N TYR B 149 -3.19 8.13 -2.97
CA TYR B 149 -1.88 7.56 -2.69
C TYR B 149 -0.76 8.42 -3.26
N PRO B 150 -0.65 8.67 -4.58
CA PRO B 150 0.41 9.59 -5.03
C PRO B 150 0.24 11.01 -4.45
N ILE B 151 -0.98 11.47 -4.21
CA ILE B 151 -1.14 12.82 -3.58
C ILE B 151 -0.48 12.84 -2.18
N THR B 152 -0.76 11.80 -1.36
CA THR B 152 -0.24 11.72 0.01
C THR B 152 1.27 11.46 0.05
N VAL B 153 1.77 10.61 -0.84
CA VAL B 153 3.21 10.40 -0.87
C VAL B 153 3.91 11.72 -1.22
N ALA B 154 3.48 12.39 -2.34
CA ALA B 154 4.07 13.65 -2.77
C ALA B 154 3.99 14.73 -1.66
N THR B 155 2.85 14.85 -1.00
CA THR B 155 2.61 15.84 0.06
C THR B 155 3.52 15.57 1.28
N ASN B 156 3.53 14.33 1.77
CA ASN B 156 4.32 13.97 2.96
C ASN B 156 5.83 14.11 2.64
N SER B 157 6.24 13.76 1.40
CA SER B 157 7.62 13.88 0.97
C SER B 157 7.99 15.38 0.94
N ARG B 158 7.09 16.27 0.43
CA ARG B 158 7.34 17.72 0.35
C ARG B 158 7.40 18.32 1.76
N GLU B 159 6.54 17.80 2.69
CA GLU B 159 6.61 18.28 4.08
C GLU B 159 7.97 17.97 4.72
N GLN B 160 8.57 16.84 4.34
CA GLN B 160 9.90 16.47 4.85
C GLN B 160 11.00 17.33 4.24
N LYS B 161 10.82 17.72 2.98
CA LYS B 161 11.74 18.62 2.26
C LYS B 161 11.74 19.97 2.96
N LYS B 162 10.57 20.43 3.45
CA LYS B 162 10.45 21.71 4.16
C LYS B 162 11.28 21.69 5.42
N ILE B 163 11.24 20.56 6.16
CA ILE B 163 12.02 20.40 7.42
C ILE B 163 13.53 20.42 7.09
N LEU B 164 13.93 19.64 6.10
CA LEU B 164 15.35 19.54 5.67
C LEU B 164 15.86 20.90 5.21
N ALA B 165 15.07 21.61 4.38
CA ALA B 165 15.43 22.92 3.85
C ALA B 165 15.66 23.91 4.99
N LYS B 166 14.76 23.93 5.97
CA LYS B 166 14.84 24.82 7.13
C LYS B 166 16.16 24.61 7.92
N TYR B 167 16.48 23.36 8.29
CA TYR B 167 17.64 23.01 9.08
C TYR B 167 18.95 23.10 8.28
N LEU B 168 18.93 22.76 6.99
CA LEU B 168 20.10 22.88 6.14
C LEU B 168 20.44 24.39 5.97
N LEU B 169 19.40 25.26 5.76
CA LEU B 169 19.60 26.72 5.60
C LEU B 169 20.12 27.30 6.92
N GLU B 170 19.59 26.85 8.05
CA GLU B 170 20.02 27.31 9.36
C GLU B 170 21.47 26.87 9.69
N THR B 171 21.83 25.61 9.43
CA THR B 171 23.14 25.09 9.84
C THR B 171 24.29 25.29 8.83
N SER B 172 23.97 25.53 7.57
CA SER B 172 24.90 25.87 6.50
C SER B 172 24.27 27.17 6.01
N GLY B 173 24.82 27.85 5.03
CA GLY B 173 24.12 29.08 4.65
C GLY B 173 23.26 28.93 3.41
N ASN B 174 22.94 27.69 3.02
CA ASN B 174 22.26 27.41 1.76
C ASN B 174 21.47 26.09 1.72
N LEU B 175 21.02 25.70 0.49
CA LEU B 175 20.25 24.50 0.19
C LEU B 175 21.01 23.47 -0.69
N ASP B 176 22.34 23.62 -0.89
CA ASP B 176 23.11 22.68 -1.72
C ASP B 176 22.88 21.20 -1.32
N GLY B 177 22.56 20.38 -2.31
CA GLY B 177 22.35 18.96 -2.13
C GLY B 177 21.05 18.58 -1.46
N LEU B 178 20.11 19.55 -1.26
CA LEU B 178 18.81 19.33 -0.61
C LEU B 178 18.02 18.20 -1.29
N GLU B 179 17.92 18.23 -2.63
CA GLU B 179 17.15 17.24 -3.40
C GLU B 179 17.73 15.82 -3.36
N TYR B 180 18.90 15.59 -2.71
CA TYR B 180 19.50 14.26 -2.54
C TYR B 180 19.48 13.82 -1.07
N LYS B 181 18.91 14.64 -0.18
CA LYS B 181 18.97 14.40 1.28
C LYS B 181 17.92 13.44 1.85
N LEU B 182 16.88 13.10 1.07
CA LEU B 182 15.85 12.13 1.49
C LEU B 182 15.75 11.12 0.35
N HIS B 183 16.36 9.95 0.53
CA HIS B 183 16.46 8.89 -0.43
C HIS B 183 15.40 7.79 -0.17
N ASP B 184 14.75 7.37 -1.24
CA ASP B 184 13.70 6.36 -1.17
C ASP B 184 14.32 4.96 -1.08
N PHE B 185 14.10 4.30 0.07
CA PHE B 185 14.54 2.95 0.39
C PHE B 185 13.33 2.00 0.47
N GLY B 186 12.17 2.48 0.03
CA GLY B 186 10.89 1.81 0.22
C GLY B 186 10.41 0.72 -0.70
N TYR B 187 11.24 0.30 -1.69
CA TYR B 187 10.81 -0.74 -2.61
C TYR B 187 10.28 -2.03 -1.94
N ARG B 188 11.02 -2.63 -1.01
CA ARG B 188 10.59 -3.87 -0.40
C ARG B 188 9.45 -3.73 0.59
N GLY B 189 9.29 -2.52 1.18
CA GLY B 189 8.33 -2.22 2.22
C GLY B 189 6.95 -1.80 1.74
N VAL B 190 6.73 -1.75 0.42
CA VAL B 190 5.41 -1.43 -0.15
C VAL B 190 4.59 -2.70 -0.45
N SER B 191 3.29 -2.52 -0.65
CA SER B 191 2.37 -3.62 -0.86
C SER B 191 2.44 -4.30 -2.23
N SER B 192 2.99 -3.67 -3.26
CA SER B 192 3.05 -4.28 -4.60
C SER B 192 4.04 -3.57 -5.53
N GLN B 193 4.28 -4.16 -6.71
CA GLN B 193 5.13 -3.58 -7.74
C GLN B 193 4.47 -2.30 -8.27
N GLU B 194 3.13 -2.33 -8.48
CA GLU B 194 2.46 -1.14 -8.99
C GLU B 194 2.57 0.02 -8.00
N THR B 195 2.34 -0.24 -6.69
CA THR B 195 2.46 0.77 -5.63
C THR B 195 3.88 1.32 -5.60
N ALA B 196 4.89 0.45 -5.75
CA ALA B 196 6.29 0.86 -5.76
C ALA B 196 6.52 1.93 -6.81
N GLY B 197 6.08 1.69 -8.05
CA GLY B 197 6.27 2.67 -9.12
C GLY B 197 5.50 3.94 -8.87
N ILE B 198 4.23 3.86 -8.45
CA ILE B 198 3.43 5.06 -8.17
C ILE B 198 4.05 5.90 -7.05
N GLY B 199 4.32 5.25 -5.91
CA GLY B 199 4.85 5.90 -4.72
C GLY B 199 6.21 6.48 -4.98
N ALA B 200 7.12 5.71 -5.61
CA ALA B 200 8.45 6.25 -5.90
C ALA B 200 8.39 7.47 -6.81
N SER B 201 7.46 7.49 -7.78
CA SER B 201 7.31 8.61 -8.70
C SER B 201 6.86 9.85 -7.95
N ALA B 202 5.97 9.67 -6.94
CA ALA B 202 5.45 10.78 -6.14
C ALA B 202 6.54 11.40 -5.26
N HIS B 203 7.49 10.57 -4.76
CA HIS B 203 8.61 11.09 -3.96
C HIS B 203 9.55 11.93 -4.87
N LEU B 204 9.69 11.48 -6.14
CA LEU B 204 10.54 12.15 -7.15
C LEU B 204 10.01 13.50 -7.61
N VAL B 205 8.77 13.83 -7.24
CA VAL B 205 8.24 15.18 -7.49
C VAL B 205 9.09 16.18 -6.67
N ASN B 206 9.59 15.74 -5.48
CA ASN B 206 10.34 16.64 -4.57
C ASN B 206 11.86 16.41 -4.50
N PHE B 207 12.28 15.17 -4.66
CA PHE B 207 13.67 14.74 -4.53
C PHE B 207 14.20 14.05 -5.78
N LYS B 208 15.50 13.78 -5.80
CA LYS B 208 16.19 13.15 -6.92
C LYS B 208 16.90 11.85 -6.54
N GLY B 209 16.87 11.47 -5.26
CA GLY B 209 17.53 10.24 -4.80
C GLY B 209 16.53 9.12 -4.58
N THR B 210 16.73 7.99 -5.28
CA THR B 210 15.82 6.84 -5.19
C THR B 210 16.50 5.52 -5.48
N ASP B 211 16.07 4.47 -4.76
CA ASP B 211 16.50 3.11 -5.00
C ASP B 211 15.30 2.34 -5.52
N THR B 212 14.15 2.99 -5.53
CA THR B 212 12.93 2.31 -6.04
C THR B 212 12.86 2.51 -7.55
N VAL B 213 13.63 1.67 -8.29
CA VAL B 213 13.83 1.66 -9.76
C VAL B 213 12.51 1.75 -10.54
N ALA B 214 11.44 1.10 -10.04
CA ALA B 214 10.10 1.08 -10.64
C ALA B 214 9.54 2.48 -10.96
N GLY B 215 9.87 3.48 -10.15
CA GLY B 215 9.44 4.86 -10.34
C GLY B 215 9.94 5.52 -11.63
N LEU B 216 11.15 5.15 -12.07
CA LEU B 216 11.74 5.73 -13.29
C LEU B 216 10.91 5.41 -14.55
N ALA B 217 10.52 4.14 -14.76
CA ALA B 217 9.76 3.71 -15.94
C ALA B 217 8.39 4.33 -15.98
N LEU B 218 7.77 4.52 -14.79
CA LEU B 218 6.47 5.15 -14.69
C LEU B 218 6.54 6.61 -15.19
N ILE B 219 7.52 7.38 -14.68
CA ILE B 219 7.69 8.79 -15.06
C ILE B 219 7.98 8.90 -16.57
N LYS B 220 8.90 8.09 -17.07
CA LYS B 220 9.26 8.07 -18.50
C LYS B 220 8.02 7.86 -19.42
N LYS B 221 7.23 6.79 -19.14
CA LYS B 221 6.04 6.41 -19.90
C LYS B 221 4.83 7.38 -19.77
N TYR B 222 4.53 7.86 -18.55
CA TYR B 222 3.33 8.68 -18.29
C TYR B 222 3.52 10.19 -18.13
N TYR B 223 4.73 10.65 -17.76
CA TYR B 223 4.94 12.07 -17.53
C TYR B 223 6.05 12.67 -18.41
N GLY B 224 7.24 12.11 -18.35
CA GLY B 224 8.40 12.54 -19.14
C GLY B 224 9.26 13.61 -18.50
N THR B 225 10.59 13.49 -18.69
CA THR B 225 11.55 14.49 -18.18
C THR B 225 12.50 14.89 -19.33
N LYS B 226 13.07 16.11 -19.26
CA LYS B 226 14.07 16.62 -20.21
C LYS B 226 15.31 15.74 -20.06
N ASP B 227 15.70 15.46 -18.79
CA ASP B 227 16.83 14.59 -18.41
C ASP B 227 16.57 13.12 -18.74
N PRO B 228 17.62 12.32 -19.04
CA PRO B 228 17.40 10.89 -19.33
C PRO B 228 16.64 10.13 -18.24
N VAL B 229 16.87 10.46 -16.94
CA VAL B 229 16.18 9.86 -15.79
C VAL B 229 15.75 10.90 -14.72
N PRO B 230 14.64 10.65 -13.99
CA PRO B 230 14.24 11.59 -12.94
C PRO B 230 14.94 11.39 -11.59
N GLY B 231 15.59 10.26 -11.38
CA GLY B 231 16.21 9.97 -10.09
C GLY B 231 17.51 9.21 -10.15
N TYR B 232 18.36 9.39 -9.11
CA TYR B 232 19.70 8.85 -9.08
C TYR B 232 20.03 8.06 -7.83
N SER B 233 21.01 7.18 -7.96
CA SER B 233 21.48 6.38 -6.82
C SER B 233 22.99 6.25 -6.86
N VAL B 234 23.55 5.74 -5.75
CA VAL B 234 24.97 5.47 -5.56
C VAL B 234 25.14 4.01 -5.11
N PRO B 235 26.31 3.39 -5.37
CA PRO B 235 26.54 2.03 -4.88
C PRO B 235 26.48 2.03 -3.34
N ALA B 236 25.98 0.95 -2.78
CA ALA B 236 25.83 0.83 -1.34
C ALA B 236 25.84 -0.65 -0.99
N ALA B 237 26.33 -0.96 0.21
CA ALA B 237 26.37 -2.30 0.77
C ALA B 237 25.03 -2.62 1.47
N GLU B 238 24.79 -3.90 1.71
CA GLU B 238 23.68 -4.41 2.51
C GLU B 238 24.32 -5.37 3.49
N HIS B 239 23.55 -5.83 4.49
CA HIS B 239 24.07 -6.77 5.46
C HIS B 239 24.64 -8.03 4.83
N SER B 240 23.99 -8.57 3.80
CA SER B 240 24.50 -9.78 3.11
C SER B 240 25.91 -9.58 2.54
N THR B 241 26.21 -8.42 1.96
CA THR B 241 27.57 -8.17 1.38
C THR B 241 28.65 -7.90 2.43
N ILE B 242 28.26 -7.52 3.65
CA ILE B 242 29.24 -7.40 4.72
C ILE B 242 29.40 -8.76 5.42
N THR B 243 28.29 -9.31 5.93
CA THR B 243 28.27 -10.54 6.72
C THR B 243 28.79 -11.78 5.98
N ALA B 244 28.64 -11.86 4.64
CA ALA B 244 29.15 -13.00 3.84
C ALA B 244 30.68 -13.24 4.02
N TRP B 245 31.42 -12.20 4.45
CA TRP B 245 32.87 -12.28 4.70
C TRP B 245 33.22 -13.00 6.01
N GLY B 246 32.21 -13.16 6.88
CA GLY B 246 32.39 -13.82 8.17
C GLY B 246 32.59 -12.76 9.22
N LYS B 247 32.14 -13.03 10.46
CA LYS B 247 32.18 -12.06 11.57
C LYS B 247 33.58 -11.47 11.84
N ASP B 248 34.65 -12.24 11.66
CA ASP B 248 36.01 -11.77 11.91
C ASP B 248 36.65 -11.02 10.76
N HIS B 249 35.93 -10.89 9.63
CA HIS B 249 36.45 -10.23 8.44
C HIS B 249 35.65 -9.01 7.99
N GLU B 250 34.98 -8.30 8.93
CA GLU B 250 34.22 -7.09 8.62
C GLU B 250 35.15 -6.02 7.98
N LYS B 251 36.40 -5.87 8.50
CA LYS B 251 37.39 -4.95 7.92
C LYS B 251 37.70 -5.30 6.45
N ASP B 252 37.84 -6.59 6.13
CA ASP B 252 38.14 -7.05 4.75
C ASP B 252 37.01 -6.72 3.79
N ALA B 253 35.75 -6.83 4.28
CA ALA B 253 34.55 -6.55 3.51
C ALA B 253 34.58 -5.06 3.19
N PHE B 254 34.82 -4.23 4.22
CA PHE B 254 34.85 -2.76 4.08
C PHE B 254 35.95 -2.32 3.08
N GLU B 255 37.17 -2.86 3.24
CA GLU B 255 38.31 -2.52 2.37
C GLU B 255 38.01 -2.88 0.91
N HIS B 256 37.46 -4.08 0.66
CA HIS B 256 37.10 -4.51 -0.68
C HIS B 256 36.03 -3.61 -1.30
N ILE B 257 35.00 -3.24 -0.52
CA ILE B 257 33.90 -2.42 -1.04
C ILE B 257 34.36 -1.02 -1.41
N VAL B 258 35.09 -0.33 -0.53
CA VAL B 258 35.56 1.03 -0.81
C VAL B 258 36.62 1.03 -1.96
N THR B 259 37.39 -0.07 -2.12
CA THR B 259 38.40 -0.18 -3.21
C THR B 259 37.67 -0.44 -4.56
N GLN B 260 36.57 -1.20 -4.53
CA GLN B 260 35.76 -1.44 -5.72
C GLN B 260 35.07 -0.16 -6.21
N PHE B 261 34.65 0.72 -5.29
CA PHE B 261 33.97 1.98 -5.63
C PHE B 261 34.80 3.14 -5.11
N SER B 262 36.06 3.24 -5.58
CA SER B 262 37.01 4.26 -5.12
C SER B 262 36.77 5.63 -5.74
N SER B 263 36.07 5.71 -6.90
CA SER B 263 35.89 6.97 -7.61
C SER B 263 34.43 7.47 -7.69
N VAL B 264 33.50 6.78 -6.99
CA VAL B 264 32.08 7.19 -6.91
C VAL B 264 31.69 7.21 -5.42
N PRO B 265 30.63 7.96 -5.00
CA PRO B 265 30.20 7.89 -3.58
C PRO B 265 29.80 6.44 -3.27
N VAL B 266 30.09 5.99 -2.02
CA VAL B 266 29.76 4.61 -1.66
C VAL B 266 29.22 4.60 -0.24
N SER B 267 28.05 4.00 -0.06
CA SER B 267 27.42 3.84 1.22
C SER B 267 27.78 2.48 1.78
N VAL B 268 28.18 2.42 3.05
CA VAL B 268 28.59 1.16 3.67
C VAL B 268 27.92 0.95 5.01
N VAL B 269 27.01 -0.05 5.06
CA VAL B 269 26.31 -0.39 6.30
C VAL B 269 27.35 -0.88 7.34
N SER B 270 27.38 -0.21 8.50
CA SER B 270 28.47 -0.46 9.45
C SER B 270 28.03 -0.98 10.81
N ASP B 271 26.77 -1.44 10.93
CA ASP B 271 26.22 -1.89 12.21
C ASP B 271 26.03 -3.39 12.31
N SER B 272 26.57 -4.20 11.35
CA SER B 272 26.39 -5.64 11.36
C SER B 272 26.67 -6.30 12.71
N TYR B 273 27.69 -5.79 13.43
CA TYR B 273 28.09 -6.34 14.72
C TYR B 273 28.20 -5.29 15.79
N ASP B 274 28.92 -4.18 15.51
CA ASP B 274 29.06 -3.08 16.47
C ASP B 274 29.38 -1.82 15.69
N ILE B 275 28.37 -0.97 15.50
CA ILE B 275 28.45 0.30 14.76
C ILE B 275 29.53 1.22 15.29
N TYR B 276 29.64 1.33 16.62
CA TYR B 276 30.57 2.22 17.29
C TYR B 276 32.00 1.76 17.14
N ASN B 277 32.25 0.43 17.21
CA ASN B 277 33.56 -0.14 16.96
C ASN B 277 33.96 0.06 15.49
N ALA B 278 33.00 -0.19 14.54
CA ALA B 278 33.29 -0.03 13.11
C ALA B 278 33.71 1.42 12.81
N CYS B 279 33.01 2.41 13.40
CA CYS B 279 33.35 3.82 13.17
C CYS B 279 34.67 4.19 13.82
N GLU B 280 34.86 3.79 15.08
CA GLU B 280 36.07 4.17 15.81
C GLU B 280 37.33 3.41 15.38
N LYS B 281 37.27 2.08 15.37
CA LYS B 281 38.45 1.26 15.08
C LYS B 281 38.63 0.89 13.61
N ILE B 282 37.55 0.50 12.90
CA ILE B 282 37.73 0.08 11.52
C ILE B 282 37.88 1.26 10.59
N TRP B 283 36.87 2.13 10.49
CA TRP B 283 36.99 3.30 9.62
C TRP B 283 37.96 4.32 10.18
N GLY B 284 37.87 4.55 11.48
CA GLY B 284 38.65 5.57 12.17
C GLY B 284 40.12 5.28 12.36
N GLU B 285 40.53 4.00 12.27
CA GLU B 285 41.94 3.65 12.49
C GLU B 285 42.50 2.74 11.40
N ASP B 286 42.02 1.47 11.34
CA ASP B 286 42.50 0.47 10.39
C ASP B 286 42.42 0.86 8.93
N LEU B 287 41.28 1.41 8.50
CA LEU B 287 41.07 1.78 7.10
C LEU B 287 41.06 3.26 6.83
N ARG B 288 41.42 4.10 7.84
CA ARG B 288 41.41 5.56 7.75
C ARG B 288 42.20 6.11 6.56
N HIS B 289 43.32 5.42 6.21
CA HIS B 289 44.17 5.77 5.07
C HIS B 289 43.44 5.66 3.71
N LEU B 290 42.43 4.77 3.60
CA LEU B 290 41.67 4.56 2.37
C LEU B 290 40.50 5.55 2.24
N ILE B 291 40.19 6.26 3.34
CA ILE B 291 39.09 7.20 3.42
C ILE B 291 39.55 8.63 3.16
N VAL B 292 40.60 9.06 3.87
CA VAL B 292 41.14 10.43 3.79
C VAL B 292 41.73 10.80 2.37
N SER B 293 41.99 9.80 1.55
CA SER B 293 42.53 9.94 0.21
C SER B 293 41.40 10.09 -0.84
N ARG B 294 40.11 9.80 -0.46
CA ARG B 294 38.96 9.88 -1.37
C ARG B 294 38.62 11.28 -1.86
N SER B 295 38.09 11.35 -3.08
CA SER B 295 37.68 12.60 -3.70
C SER B 295 36.41 13.14 -3.03
N THR B 296 36.20 14.45 -3.16
CA THR B 296 35.03 15.17 -2.70
C THR B 296 33.78 14.72 -3.49
N GLN B 297 33.98 14.25 -4.72
CA GLN B 297 32.90 13.73 -5.55
C GLN B 297 32.62 12.25 -5.25
N ALA B 298 33.41 11.63 -4.36
CA ALA B 298 33.31 10.21 -4.04
C ALA B 298 33.45 9.95 -2.54
N PRO B 299 32.63 10.57 -1.66
CA PRO B 299 32.79 10.29 -0.24
C PRO B 299 32.41 8.86 0.16
N LEU B 300 32.90 8.44 1.30
CA LEU B 300 32.44 7.23 1.97
C LEU B 300 31.21 7.74 2.77
N ILE B 301 30.10 7.02 2.65
CA ILE B 301 28.90 7.37 3.42
C ILE B 301 28.68 6.24 4.42
N ILE B 302 28.89 6.52 5.70
CA ILE B 302 28.75 5.52 6.75
C ILE B 302 27.25 5.36 7.05
N ARG B 303 26.79 4.08 7.11
CA ARG B 303 25.40 3.83 7.36
C ARG B 303 25.12 3.07 8.63
N PRO B 304 24.68 3.73 9.72
CA PRO B 304 24.13 2.96 10.86
C PRO B 304 22.73 2.45 10.44
N ASP B 305 22.26 1.36 11.01
CA ASP B 305 20.95 0.81 10.62
C ASP B 305 20.17 0.19 11.78
N SER B 306 20.46 0.59 13.03
CA SER B 306 19.81 0.04 14.23
C SER B 306 20.03 0.96 15.40
N GLY B 307 19.26 0.73 16.47
CA GLY B 307 19.32 1.52 17.68
C GLY B 307 18.43 2.72 17.58
N ASN B 308 18.42 3.57 18.63
CA ASN B 308 17.63 4.77 18.67
C ASN B 308 18.19 5.68 17.55
N PRO B 309 17.36 6.08 16.56
CA PRO B 309 17.87 6.86 15.40
C PRO B 309 18.66 8.10 15.76
N LEU B 310 18.14 8.96 16.67
CA LEU B 310 18.87 10.16 17.08
C LEU B 310 20.13 9.85 17.89
N ASP B 311 20.04 9.03 18.97
CA ASP B 311 21.19 8.68 19.82
C ASP B 311 22.34 8.08 19.01
N THR B 312 21.99 7.21 18.03
CA THR B 312 22.98 6.56 17.18
C THR B 312 23.67 7.60 16.28
N VAL B 313 22.89 8.46 15.61
CA VAL B 313 23.45 9.51 14.74
C VAL B 313 24.43 10.37 15.52
N LEU B 314 24.01 10.86 16.71
CA LEU B 314 24.88 11.73 17.53
C LEU B 314 26.15 11.03 17.98
N LYS B 315 26.04 9.74 18.33
CA LYS B 315 27.22 9.04 18.82
C LYS B 315 28.18 8.75 17.67
N VAL B 316 27.66 8.34 16.51
CA VAL B 316 28.46 8.09 15.29
C VAL B 316 29.22 9.39 14.89
N LEU B 317 28.52 10.56 14.92
CA LEU B 317 29.17 11.84 14.60
C LEU B 317 30.24 12.20 15.63
N GLU B 318 29.99 11.96 16.93
CA GLU B 318 31.00 12.27 17.96
C GLU B 318 32.25 11.43 17.76
N ILE B 319 32.07 10.13 17.41
CA ILE B 319 33.17 9.21 17.13
C ILE B 319 33.97 9.72 15.92
N LEU B 320 33.28 10.00 14.80
CA LEU B 320 33.94 10.44 13.58
C LEU B 320 34.66 11.77 13.74
N GLY B 321 34.06 12.66 14.52
CA GLY B 321 34.60 13.99 14.82
C GLY B 321 35.93 13.92 15.55
N LYS B 322 36.15 12.83 16.30
CA LYS B 322 37.38 12.61 17.04
C LYS B 322 38.45 11.86 16.25
N LYS B 323 38.05 11.17 15.18
CA LYS B 323 39.00 10.41 14.36
C LYS B 323 39.38 11.11 13.08
N PHE B 324 38.54 12.07 12.64
CA PHE B 324 38.71 12.77 11.38
C PHE B 324 38.78 14.28 11.53
N PRO B 325 39.46 15.00 10.59
CA PRO B 325 39.58 16.47 10.74
C PRO B 325 38.28 17.26 10.53
N VAL B 326 37.63 17.64 11.62
CA VAL B 326 36.37 18.38 11.54
C VAL B 326 36.65 19.90 11.45
N THR B 327 35.87 20.59 10.61
CA THR B 327 35.95 22.03 10.42
C THR B 327 34.69 22.68 11.02
N GLU B 328 34.69 24.01 11.10
CA GLU B 328 33.57 24.79 11.57
C GLU B 328 33.17 25.63 10.37
N ASN B 329 31.94 25.45 9.86
CA ASN B 329 31.56 26.25 8.69
C ASN B 329 31.18 27.69 9.12
N SER B 330 30.79 28.51 8.15
CA SER B 330 30.52 29.94 8.33
C SER B 330 29.39 30.25 9.34
N LYS B 331 28.52 29.27 9.60
CA LYS B 331 27.42 29.43 10.53
C LYS B 331 27.77 28.97 11.94
N GLY B 332 28.99 28.46 12.11
CA GLY B 332 29.49 27.98 13.40
C GLY B 332 29.17 26.51 13.67
N TYR B 333 28.71 25.75 12.65
CA TYR B 333 28.37 24.33 12.79
C TYR B 333 29.49 23.44 12.30
N LYS B 334 29.63 22.31 12.96
CA LYS B 334 30.63 21.31 12.70
C LYS B 334 30.38 20.60 11.39
N LEU B 335 31.45 20.41 10.63
CA LEU B 335 31.41 19.76 9.33
C LEU B 335 32.51 18.73 9.19
N LEU B 336 32.14 17.49 8.80
CA LEU B 336 33.06 16.38 8.55
C LEU B 336 33.90 16.74 7.34
N PRO B 337 35.05 16.08 7.09
CA PRO B 337 35.77 16.38 5.83
C PRO B 337 34.93 15.95 4.63
N PRO B 338 35.14 16.53 3.42
CA PRO B 338 34.26 16.22 2.27
C PRO B 338 34.28 14.78 1.75
N TYR B 339 35.26 13.97 2.14
CA TYR B 339 35.32 12.57 1.72
C TYR B 339 34.52 11.65 2.69
N LEU B 340 33.80 12.25 3.66
CA LEU B 340 33.10 11.48 4.68
C LEU B 340 31.72 12.06 5.01
N ARG B 341 30.68 11.20 4.85
CA ARG B 341 29.29 11.56 5.19
C ARG B 341 28.59 10.42 5.94
N VAL B 342 27.37 10.66 6.44
CA VAL B 342 26.57 9.67 7.18
C VAL B 342 25.19 9.61 6.52
N ILE B 343 24.54 8.45 6.59
CA ILE B 343 23.18 8.25 6.11
C ILE B 343 22.45 7.47 7.19
N GLN B 344 21.34 7.99 7.67
CA GLN B 344 20.51 7.29 8.65
C GLN B 344 19.35 6.72 7.81
N GLY B 345 19.34 5.40 7.61
CA GLY B 345 18.34 4.71 6.81
C GLY B 345 17.39 3.79 7.57
N ASP B 346 17.36 3.89 8.90
CA ASP B 346 16.46 3.05 9.69
C ASP B 346 15.49 3.89 10.49
N GLY B 347 14.23 3.48 10.48
CA GLY B 347 13.15 4.13 11.23
C GLY B 347 12.93 5.60 10.94
N VAL B 348 13.19 6.02 9.69
CA VAL B 348 13.00 7.40 9.28
C VAL B 348 11.57 7.61 8.77
N ASP B 349 10.87 8.53 9.43
CA ASP B 349 9.56 9.00 8.98
C ASP B 349 9.58 10.52 9.24
N ILE B 350 8.50 11.24 8.97
CA ILE B 350 8.52 12.70 9.13
C ILE B 350 8.84 13.11 10.59
N ASN B 351 8.34 12.34 11.58
CA ASN B 351 8.58 12.64 12.99
C ASN B 351 10.01 12.43 13.41
N THR B 352 10.62 11.30 13.02
CA THR B 352 12.00 11.01 13.42
C THR B 352 13.02 11.86 12.65
N LEU B 353 12.75 12.22 11.38
CA LEU B 353 13.59 13.11 10.58
C LEU B 353 13.68 14.47 11.32
N GLN B 354 12.56 14.97 11.79
CA GLN B 354 12.47 16.20 12.58
C GLN B 354 13.30 16.09 13.87
N GLU B 355 13.14 15.00 14.63
CA GLU B 355 13.89 14.83 15.89
C GLU B 355 15.39 14.78 15.62
N ILE B 356 15.82 14.10 14.54
CA ILE B 356 17.25 13.98 14.22
C ILE B 356 17.84 15.34 13.86
N VAL B 357 17.27 16.07 12.89
CA VAL B 357 17.86 17.35 12.45
C VAL B 357 17.89 18.35 13.63
N GLU B 358 16.84 18.38 14.47
CA GLU B 358 16.80 19.24 15.64
C GLU B 358 17.87 18.84 16.66
N GLY B 359 18.03 17.53 16.87
CA GLY B 359 19.04 16.97 17.78
C GLY B 359 20.45 17.24 17.32
N MET B 360 20.68 17.15 16.00
CA MET B 360 21.96 17.50 15.37
C MET B 360 22.29 18.98 15.55
N LYS B 361 21.30 19.87 15.27
CA LYS B 361 21.46 21.33 15.39
C LYS B 361 21.83 21.71 16.85
N GLN B 362 21.18 21.06 17.83
CA GLN B 362 21.44 21.28 19.27
C GLN B 362 22.87 20.89 19.65
N LYS B 363 23.44 19.86 19.00
CA LYS B 363 24.81 19.42 19.24
C LYS B 363 25.82 20.10 18.29
N MET B 364 25.39 21.17 17.58
CA MET B 364 26.21 21.99 16.67
C MET B 364 26.76 21.24 15.43
N TRP B 365 26.01 20.21 14.94
CA TRP B 365 26.37 19.46 13.75
C TRP B 365 25.59 19.99 12.57
N SER B 366 26.28 20.28 11.50
CA SER B 366 25.61 20.81 10.31
C SER B 366 24.78 19.69 9.64
N ILE B 367 23.63 20.05 9.01
CA ILE B 367 22.79 19.08 8.28
C ILE B 367 23.51 18.66 6.98
N GLU B 368 24.57 19.38 6.57
CA GLU B 368 25.28 18.93 5.39
C GLU B 368 25.99 17.57 5.65
N ASN B 369 26.19 17.18 6.92
CA ASN B 369 26.86 15.93 7.27
C ASN B 369 26.06 14.67 6.97
N ILE B 370 24.73 14.81 6.89
CA ILE B 370 23.79 13.69 6.79
C ILE B 370 22.85 13.71 5.64
N ALA B 371 22.38 12.52 5.27
CA ALA B 371 21.31 12.25 4.33
C ALA B 371 20.42 11.21 5.04
N PHE B 372 19.17 11.11 4.62
CA PHE B 372 18.23 10.16 5.21
C PHE B 372 17.72 9.21 4.15
N GLY B 373 17.55 7.94 4.53
CA GLY B 373 16.94 6.91 3.71
C GLY B 373 15.64 6.55 4.39
N SER B 374 14.51 6.58 3.65
CA SER B 374 13.22 6.26 4.26
C SER B 374 12.49 5.23 3.41
N GLY B 375 12.01 4.16 4.05
CA GLY B 375 11.33 3.09 3.36
C GLY B 375 9.82 3.13 3.59
N GLY B 376 9.36 2.35 4.58
CA GLY B 376 7.94 2.30 4.95
C GLY B 376 7.35 3.65 5.31
N GLY B 377 8.12 4.47 6.05
CA GLY B 377 7.66 5.79 6.45
C GLY B 377 7.37 6.71 5.27
N LEU B 378 8.12 6.53 4.17
CA LEU B 378 7.96 7.36 2.98
C LEU B 378 6.86 6.87 2.01
N LEU B 379 6.79 5.55 1.79
CA LEU B 379 5.87 4.94 0.81
C LEU B 379 4.73 4.05 1.30
N GLN B 380 4.81 3.54 2.54
CA GLN B 380 3.79 2.60 2.98
C GLN B 380 2.94 3.04 4.19
N LYS B 381 3.53 3.73 5.17
CA LYS B 381 2.86 4.12 6.41
C LYS B 381 2.03 5.38 6.16
N LEU B 382 1.06 5.27 5.25
CA LEU B 382 0.19 6.36 4.82
C LEU B 382 -1.13 5.79 4.48
N THR B 383 -2.18 6.49 4.85
CA THR B 383 -3.55 6.06 4.56
C THR B 383 -4.37 7.21 3.96
N ARG B 384 -5.55 6.86 3.43
CA ARG B 384 -6.48 7.82 2.84
C ARG B 384 -7.01 8.79 3.90
N ASP B 385 -6.90 8.43 5.20
CA ASP B 385 -7.37 9.27 6.31
C ASP B 385 -6.43 10.41 6.64
N LEU B 386 -5.14 10.28 6.27
CA LEU B 386 -4.14 11.31 6.56
C LEU B 386 -4.53 12.66 5.97
N LEU B 387 -4.95 12.73 4.69
CA LEU B 387 -5.41 14.00 4.11
C LEU B 387 -6.93 14.04 3.89
N ASN B 388 -7.66 13.03 4.41
CA ASN B 388 -9.11 12.92 4.26
C ASN B 388 -9.57 13.04 2.81
N CYS B 389 -8.92 12.29 1.94
CA CYS B 389 -9.22 12.27 0.49
C CYS B 389 -10.57 11.63 0.30
N SER B 390 -11.49 12.36 -0.32
CA SER B 390 -12.87 11.93 -0.45
C SER B 390 -13.50 12.36 -1.81
N PHE B 391 -14.34 11.49 -2.36
CA PHE B 391 -15.04 11.72 -3.62
C PHE B 391 -16.52 11.68 -3.33
N LYS B 392 -17.26 12.73 -3.73
CA LYS B 392 -18.69 12.80 -3.39
C LYS B 392 -19.48 13.48 -4.47
N CYS B 393 -20.74 13.05 -4.61
CA CYS B 393 -21.68 13.65 -5.53
C CYS B 393 -22.13 14.98 -4.97
N SER B 394 -22.06 16.06 -5.79
CA SER B 394 -22.48 17.39 -5.35
C SER B 394 -23.61 17.99 -6.22
N TYR B 395 -23.88 17.38 -7.38
CA TYR B 395 -24.89 17.93 -8.28
C TYR B 395 -25.49 16.86 -9.14
N VAL B 396 -26.81 16.91 -9.30
CA VAL B 396 -27.52 15.97 -10.16
C VAL B 396 -28.56 16.71 -10.97
N VAL B 397 -28.97 16.16 -12.11
CA VAL B 397 -30.07 16.70 -12.93
C VAL B 397 -31.06 15.55 -13.01
N THR B 398 -32.27 15.77 -12.54
CA THR B 398 -33.38 14.81 -12.52
C THR B 398 -34.61 15.55 -13.11
N ASN B 399 -35.29 14.90 -14.08
CA ASN B 399 -36.44 15.48 -14.80
C ASN B 399 -36.11 16.88 -15.38
N GLY B 400 -34.88 17.02 -15.85
CA GLY B 400 -34.35 18.25 -16.43
C GLY B 400 -34.04 19.37 -15.46
N LEU B 401 -34.15 19.11 -14.14
CA LEU B 401 -33.87 20.14 -13.14
C LEU B 401 -32.65 19.80 -12.27
N GLY B 402 -31.67 20.69 -12.30
CA GLY B 402 -30.44 20.57 -11.54
C GLY B 402 -30.68 20.82 -10.06
N ILE B 403 -30.16 19.94 -9.18
CA ILE B 403 -30.30 20.11 -7.72
C ILE B 403 -28.91 19.99 -7.03
N ASN B 404 -28.68 20.82 -6.01
CA ASN B 404 -27.43 20.81 -5.25
C ASN B 404 -27.55 19.74 -4.17
N VAL B 405 -26.70 18.73 -4.27
CA VAL B 405 -26.68 17.51 -3.46
C VAL B 405 -25.45 17.51 -2.49
N PHE B 406 -25.63 17.00 -1.27
CA PHE B 406 -24.55 16.97 -0.29
C PHE B 406 -24.91 16.00 0.85
N LYS B 407 -23.91 15.62 1.65
CA LYS B 407 -24.16 14.85 2.86
C LYS B 407 -23.74 15.77 4.01
N ASP B 408 -24.39 15.63 5.17
CA ASP B 408 -24.09 16.46 6.33
C ASP B 408 -24.39 15.63 7.59
N PRO B 409 -23.54 14.61 7.92
CA PRO B 409 -23.86 13.74 9.06
C PRO B 409 -23.92 14.50 10.38
N VAL B 410 -24.98 14.26 11.17
CA VAL B 410 -25.22 14.96 12.44
C VAL B 410 -24.02 14.85 13.44
N ALA B 411 -23.42 13.66 13.55
CA ALA B 411 -22.33 13.41 14.48
C ALA B 411 -20.96 13.78 13.97
N ASP B 412 -20.82 14.23 12.69
CA ASP B 412 -19.52 14.60 12.21
C ASP B 412 -19.55 15.75 11.19
N PRO B 413 -19.49 17.01 11.67
CA PRO B 413 -19.45 18.17 10.75
C PRO B 413 -18.26 18.16 9.77
N ASN B 414 -17.18 17.43 10.10
CA ASN B 414 -16.00 17.31 9.23
C ASN B 414 -16.33 16.51 7.97
N LYS B 415 -17.38 15.66 8.00
CA LYS B 415 -17.79 14.83 6.85
C LYS B 415 -18.82 15.54 5.93
N ARG B 416 -19.16 16.81 6.25
CA ARG B 416 -20.10 17.53 5.43
C ARG B 416 -19.47 17.81 4.05
N SER B 417 -20.19 17.49 2.95
CA SER B 417 -19.66 17.67 1.60
C SER B 417 -20.16 18.94 0.93
N LYS B 418 -19.48 19.35 -0.18
CA LYS B 418 -19.78 20.59 -0.89
C LYS B 418 -21.04 20.47 -1.75
N LYS B 419 -21.73 21.62 -1.99
CA LYS B 419 -23.00 21.63 -2.75
C LYS B 419 -22.86 22.24 -4.14
N GLY B 420 -23.45 21.55 -5.10
CA GLY B 420 -23.59 22.02 -6.47
C GLY B 420 -22.36 21.97 -7.32
N ARG B 421 -22.43 22.72 -8.43
CA ARG B 421 -21.35 22.79 -9.38
C ARG B 421 -20.23 23.61 -8.76
N LEU B 422 -19.03 23.07 -8.85
CA LEU B 422 -17.86 23.65 -8.21
C LEU B 422 -16.86 24.23 -9.16
N SER B 423 -16.11 25.21 -8.67
CA SER B 423 -15.06 25.86 -9.41
C SER B 423 -13.98 26.32 -8.44
N LEU B 424 -12.70 26.29 -8.87
CA LEU B 424 -11.56 26.69 -8.05
C LEU B 424 -11.04 28.04 -8.54
N HIS B 425 -10.88 29.01 -7.62
CA HIS B 425 -10.44 30.35 -7.98
C HIS B 425 -9.35 30.89 -7.09
N ARG B 426 -8.67 31.94 -7.60
CA ARG B 426 -7.68 32.72 -6.88
C ARG B 426 -8.46 33.80 -6.18
N THR B 427 -8.14 34.07 -4.90
CA THR B 427 -8.83 35.14 -4.16
C THR B 427 -8.07 36.47 -4.46
N PRO B 428 -8.56 37.68 -4.09
CA PRO B 428 -7.77 38.89 -4.34
C PRO B 428 -6.38 38.91 -3.68
N ALA B 429 -6.19 38.22 -2.53
CA ALA B 429 -4.88 38.14 -1.88
C ALA B 429 -3.97 37.03 -2.44
N GLY B 430 -4.43 36.36 -3.50
CA GLY B 430 -3.68 35.29 -4.16
C GLY B 430 -3.79 33.93 -3.50
N ASN B 431 -4.85 33.70 -2.71
CA ASN B 431 -5.05 32.39 -2.09
C ASN B 431 -6.04 31.58 -2.91
N PHE B 432 -6.54 30.47 -2.38
CA PHE B 432 -7.49 29.65 -3.12
C PHE B 432 -8.84 29.66 -2.47
N VAL B 433 -9.87 29.53 -3.29
CA VAL B 433 -11.26 29.43 -2.85
C VAL B 433 -12.00 28.50 -3.79
N THR B 434 -12.82 27.61 -3.22
CA THR B 434 -13.69 26.74 -3.98
C THR B 434 -15.08 27.35 -3.92
N LEU B 435 -15.62 27.74 -5.08
CA LEU B 435 -16.96 28.31 -5.11
C LEU B 435 -17.96 27.20 -5.33
N GLU B 436 -19.05 27.22 -4.57
CA GLU B 436 -20.08 26.18 -4.63
C GLU B 436 -21.34 26.74 -5.32
N GLU B 437 -22.33 25.85 -5.56
CA GLU B 437 -23.66 26.17 -6.12
C GLU B 437 -23.61 26.90 -7.46
N GLY B 438 -22.61 26.56 -8.28
CA GLY B 438 -22.39 27.17 -9.59
C GLY B 438 -22.01 28.65 -9.54
N LYS B 439 -21.68 29.19 -8.34
CA LYS B 439 -21.35 30.61 -8.13
C LYS B 439 -20.15 31.12 -8.95
N GLY B 440 -19.31 30.21 -9.45
CA GLY B 440 -18.21 30.56 -10.34
C GLY B 440 -18.70 31.24 -11.62
N ASP B 441 -19.99 30.97 -12.00
CA ASP B 441 -20.67 31.54 -13.17
C ASP B 441 -20.75 33.06 -13.08
N LEU B 442 -20.82 33.60 -11.85
CA LEU B 442 -20.76 35.03 -11.59
C LEU B 442 -19.27 35.33 -11.83
N GLU B 443 -18.92 36.34 -12.60
CA GLU B 443 -17.49 36.56 -12.88
C GLU B 443 -16.78 37.35 -11.76
N GLU B 444 -17.22 37.15 -10.49
CA GLU B 444 -16.73 37.84 -9.30
C GLU B 444 -15.35 37.42 -8.84
N TYR B 445 -14.89 36.21 -9.22
CA TYR B 445 -13.59 35.69 -8.80
C TYR B 445 -12.69 35.30 -9.96
N GLY B 446 -13.02 35.76 -11.17
CA GLY B 446 -12.26 35.44 -12.37
C GLY B 446 -12.46 34.02 -12.88
N GLN B 447 -11.48 33.53 -13.64
CA GLN B 447 -11.51 32.22 -14.29
C GLN B 447 -11.31 31.02 -13.32
N ASP B 448 -11.95 29.91 -13.65
CA ASP B 448 -11.84 28.63 -12.93
C ASP B 448 -10.43 28.10 -13.18
N LEU B 449 -9.75 27.65 -12.13
CA LEU B 449 -8.41 27.05 -12.18
C LEU B 449 -8.42 25.57 -12.63
N LEU B 450 -9.57 24.90 -12.67
CA LEU B 450 -9.64 23.50 -13.14
C LEU B 450 -9.68 23.50 -14.65
N HIS B 451 -9.06 22.51 -15.26
CA HIS B 451 -9.00 22.36 -16.71
C HIS B 451 -9.51 20.99 -17.08
N THR B 452 -10.13 20.85 -18.27
CA THR B 452 -10.58 19.55 -18.75
C THR B 452 -9.35 18.74 -19.06
N VAL B 453 -9.17 17.61 -18.36
CA VAL B 453 -8.03 16.72 -18.57
C VAL B 453 -8.46 15.47 -19.30
N PHE B 454 -9.76 15.18 -19.28
CA PHE B 454 -10.27 13.99 -19.93
C PHE B 454 -11.65 14.27 -20.42
N LYS B 455 -11.95 13.82 -21.65
CA LYS B 455 -13.29 13.95 -22.20
C LYS B 455 -13.49 12.91 -23.26
N ASN B 456 -14.55 12.11 -23.09
CA ASN B 456 -15.05 11.09 -24.01
C ASN B 456 -13.97 10.10 -24.50
N GLY B 457 -13.23 9.54 -23.54
CA GLY B 457 -12.19 8.55 -23.81
C GLY B 457 -10.83 9.11 -24.18
N LYS B 458 -10.68 10.44 -24.19
CA LYS B 458 -9.42 11.04 -24.57
C LYS B 458 -8.82 11.90 -23.47
N VAL B 459 -7.49 11.87 -23.32
CA VAL B 459 -6.77 12.75 -22.40
C VAL B 459 -6.61 14.08 -23.16
N THR B 460 -7.16 15.15 -22.61
CA THR B 460 -7.22 16.45 -23.32
C THR B 460 -6.20 17.45 -22.85
N LYS B 461 -5.50 17.16 -21.75
CA LYS B 461 -4.48 18.03 -21.21
C LYS B 461 -3.54 17.20 -20.36
N SER B 462 -2.24 17.37 -20.59
CA SER B 462 -1.21 16.61 -19.91
C SER B 462 -0.06 17.51 -19.44
N TYR B 463 0.71 17.05 -18.44
CA TYR B 463 1.81 17.81 -17.86
C TYR B 463 3.06 16.97 -17.89
N SER B 464 4.22 17.62 -18.10
CA SER B 464 5.45 16.85 -18.10
C SER B 464 5.85 16.70 -16.63
N PHE B 465 6.73 15.76 -16.33
CA PHE B 465 7.22 15.64 -14.95
C PHE B 465 8.01 16.89 -14.54
N ASP B 466 8.62 17.60 -15.51
CA ASP B 466 9.37 18.82 -15.20
C ASP B 466 8.44 19.95 -14.80
N GLU B 467 7.23 20.07 -15.42
CA GLU B 467 6.25 21.10 -15.06
C GLU B 467 5.72 20.82 -13.66
N ILE B 468 5.49 19.54 -13.37
CA ILE B 468 4.99 19.09 -12.05
C ILE B 468 5.96 19.49 -10.94
N ARG B 469 7.27 19.19 -11.11
CA ARG B 469 8.35 19.55 -10.18
C ARG B 469 8.39 21.05 -9.95
N LYS B 470 8.29 21.84 -11.02
CA LYS B 470 8.29 23.31 -10.93
C LYS B 470 7.11 23.77 -10.11
N ASN B 471 5.90 23.21 -10.38
CA ASN B 471 4.68 23.58 -9.67
C ASN B 471 4.77 23.23 -8.17
N ALA B 472 5.51 22.17 -7.85
CA ALA B 472 5.67 21.64 -6.47
C ALA B 472 6.81 22.25 -5.65
N GLN B 473 7.60 23.17 -6.25
CA GLN B 473 8.74 23.82 -5.57
C GLN B 473 8.35 24.49 -4.25
N LEU B 474 9.27 24.52 -3.28
CA LEU B 474 8.98 25.17 -2.00
C LEU B 474 9.17 26.67 -2.26
N ASN B 475 8.51 27.55 -1.51
CA ASN B 475 8.70 29.01 -1.67
C ASN B 475 10.20 29.43 -1.60
N ILE B 476 10.93 29.01 -0.52
CA ILE B 476 12.35 29.30 -0.20
C ILE B 476 13.27 29.30 -1.44
#